data_6XRU
#
_entry.id   6XRU
#
_cell.length_a   86.041
_cell.length_b   81.246
_cell.length_c   50.386
_cell.angle_alpha   90.000
_cell.angle_beta   104.590
_cell.angle_gamma   90.000
#
_symmetry.space_group_name_H-M   'P 1 21 1'
#
loop_
_entity.id
_entity.type
_entity.pdbx_description
1 polymer 'Succinyl-CoA ligase [ADP/GDP-forming] subunit alpha, mitochondrial'
2 polymer 'Succinate--CoA ligase [GDP-forming] subunit beta, mitochondrial'
3 non-polymer 'DESULFO-COENZYME A'
4 non-polymer 'SUCCINIC ACID'
5 non-polymer GLYCEROL
6 non-polymer 1,2-ETHANEDIOL
7 non-polymer 'PHOSPHATE ION'
8 non-polymer 'MAGNESIUM ION'
9 water water
#
loop_
_entity_poly.entity_id
_entity_poly.type
_entity_poly.pdbx_seq_one_letter_code
_entity_poly.pdbx_strand_id
1 'polypeptide(L)'
;SYTASRKHLYVDKNTKVICQGFTGKQGTFHSQQALEYGTNLVGGTTPGKGGKTHLGLPVFNTVKEAKEQTGATASVIYVP
PPFAAAAINEAIDAEVPLVVCITEGIPQQDMVRVKHRLLRQGKTRLIGPNCPGVINPGECKIGIMPGHIHKKGRIGIVSR
SGTLTYEAVHQTTQVGLGQSLCVGIGGDPFNGTDFTDCLEIFLNDPATEGIILIGEIGGNAEENAAEFLKQHNSGPKSKP
VVSFIAGLTAPPGRRMGHAGAIIAGGKGGAKEKITALQSAGVVVSMSPAQLGTTIYKEFEKRKMLLVHHHHHH
;
A
2 'polypeptide(L)'
;MNLQEYQSKKLMSDNGVKVQRFFVADTANEALEAAKRLNAKEIVLKAQILAGGRGKGVFSSGLKGGVHLTKDPEVVGQLA
KQMIGYNLATKQTPKEGVKVNKVMVAEALDISRETYLAILMDRSCNGPVLVGSPQGGVDIEEVAASNPELIFKEQIDIIE
GIKDSQAQRMAENLGFLGPLQNQAADQIKKLYNLFLKIDATQVEVNPFGETPEGQVVCFDAKINFDDNAEFRQKDIFAMD
DKSENEPIENEAAKYDLKYIGLDGNIACFVNGAGLAMATCDIIFLNGGKPANFLDLGGGVKESQVYQAFKLLTADPKVEA
ILVNIFGGIVNCAIIANGITKACRELELKVPLVVRLEGTNVHEAQNILTNSGLPITSAVDLEDAAKKAVASVTKK
;
B
#
loop_
_chem_comp.id
_chem_comp.type
_chem_comp.name
_chem_comp.formula
DCA non-polymer 'DESULFO-COENZYME A' 'C21 H36 N7 O16 P3'
EDO non-polymer 1,2-ETHANEDIOL 'C2 H6 O2'
GOL non-polymer GLYCEROL 'C3 H8 O3'
MG non-polymer 'MAGNESIUM ION' 'Mg 2'
PO4 non-polymer 'PHOSPHATE ION' 'O4 P -3'
SIN non-polymer 'SUCCINIC ACID' 'C4 H6 O4'
#
# COMPACT_ATOMS: atom_id res chain seq x y z
N SER A 1 -27.97 6.49 6.69
CA SER A 1 -26.87 5.72 6.12
C SER A 1 -25.68 6.62 5.84
N TYR A 2 -24.48 6.04 5.89
CA TYR A 2 -23.29 6.81 5.54
C TYR A 2 -23.36 7.31 4.10
N THR A 3 -24.10 6.63 3.22
CA THR A 3 -24.20 7.09 1.84
C THR A 3 -24.89 8.44 1.74
N ALA A 4 -25.66 8.83 2.76
CA ALA A 4 -26.32 10.14 2.74
C ALA A 4 -25.32 11.29 2.71
N SER A 5 -24.08 11.06 3.14
CA SER A 5 -23.08 12.12 3.17
C SER A 5 -22.30 12.25 1.87
N ARG A 6 -22.58 11.42 0.87
CA ARG A 6 -21.87 11.51 -0.40
C ARG A 6 -21.95 12.91 -0.98
N LYS A 7 -23.08 13.59 -0.78
CA LYS A 7 -23.29 14.91 -1.37
C LYS A 7 -22.21 15.89 -0.93
N HIS A 8 -21.65 15.72 0.26
CA HIS A 8 -20.65 16.65 0.78
C HIS A 8 -19.34 16.60 0.01
N LEU A 9 -19.15 15.62 -0.88
CA LEU A 9 -17.96 15.58 -1.71
C LEU A 9 -17.86 16.78 -2.63
N TYR A 10 -18.99 17.36 -3.02
CA TYR A 10 -19.02 18.38 -4.07
C TYR A 10 -18.78 19.75 -3.46
N VAL A 11 -17.52 20.01 -3.12
CA VAL A 11 -17.14 21.32 -2.62
C VAL A 11 -17.39 22.39 -3.68
N ASP A 12 -17.56 23.62 -3.22
CA ASP A 12 -17.84 24.75 -4.11
C ASP A 12 -17.38 26.05 -3.45
N LYS A 13 -17.67 27.18 -4.10
CA LYS A 13 -17.14 28.45 -3.65
C LYS A 13 -17.64 28.86 -2.27
N ASN A 14 -18.68 28.21 -1.76
CA ASN A 14 -19.24 28.54 -0.46
C ASN A 14 -18.80 27.58 0.63
N THR A 15 -17.99 26.58 0.30
CA THR A 15 -17.42 25.72 1.32
C THR A 15 -16.46 26.52 2.20
N LYS A 16 -16.54 26.29 3.51
CA LYS A 16 -15.70 26.97 4.49
C LYS A 16 -14.88 25.91 5.21
N VAL A 17 -13.56 26.11 5.23
CA VAL A 17 -12.60 25.05 5.56
C VAL A 17 -11.77 25.44 6.78
N ILE A 18 -11.60 24.48 7.70
CA ILE A 18 -10.61 24.59 8.77
C ILE A 18 -9.52 23.56 8.53
N CYS A 19 -8.35 23.80 9.13
CA CYS A 19 -7.18 22.95 8.98
C CYS A 19 -6.82 22.34 10.33
N GLN A 20 -6.87 21.03 10.43
CA GLN A 20 -6.39 20.30 11.59
C GLN A 20 -4.91 20.00 11.40
N GLY A 21 -4.09 20.43 12.35
CA GLY A 21 -2.65 20.46 12.16
C GLY A 21 -2.19 21.78 11.60
N PHE A 22 -2.94 22.85 11.89
CA PHE A 22 -2.83 24.13 11.20
C PHE A 22 -1.45 24.76 11.39
N THR A 23 -0.86 24.61 12.57
CA THR A 23 0.42 25.21 12.88
C THR A 23 1.62 24.37 12.44
N GLY A 24 1.38 23.18 11.91
CA GLY A 24 2.47 22.32 11.47
C GLY A 24 3.07 22.80 10.17
N LYS A 25 4.13 22.10 9.74
CA LYS A 25 4.86 22.52 8.55
C LYS A 25 3.97 22.51 7.31
N GLN A 26 3.34 21.38 7.01
CA GLN A 26 2.52 21.29 5.81
C GLN A 26 1.18 21.98 5.98
N GLY A 27 0.57 21.88 7.17
CA GLY A 27 -0.63 22.64 7.44
C GLY A 27 -0.45 24.12 7.18
N THR A 28 0.69 24.67 7.63
CA THR A 28 0.94 26.09 7.40
C THR A 28 1.07 26.39 5.92
N PHE A 29 1.91 25.63 5.22
CA PHE A 29 2.22 25.94 3.83
C PHE A 29 0.98 25.79 2.96
N HIS A 30 0.23 24.70 3.12
CA HIS A 30 -0.93 24.48 2.26
C HIS A 30 -2.11 25.34 2.66
N SER A 31 -2.16 25.81 3.91
CA SER A 31 -3.14 26.82 4.27
C SER A 31 -2.85 28.14 3.58
N GLN A 32 -1.57 28.52 3.54
CA GLN A 32 -1.19 29.73 2.80
C GLN A 32 -1.57 29.61 1.33
N GLN A 33 -1.26 28.46 0.72
CA GLN A 33 -1.61 28.26 -0.67
CA GLN A 33 -1.61 28.26 -0.67
C GLN A 33 -3.13 28.25 -0.87
N ALA A 34 -3.87 27.73 0.10
CA ALA A 34 -5.33 27.72 0.00
C ALA A 34 -5.88 29.14 -0.02
N LEU A 35 -5.38 29.99 0.87
CA LEU A 35 -5.80 31.39 0.87
C LEU A 35 -5.52 32.04 -0.47
N GLU A 36 -4.32 31.80 -1.02
CA GLU A 36 -3.94 32.41 -2.29
C GLU A 36 -4.80 31.89 -3.44
N TYR A 37 -5.26 30.64 -3.35
CA TYR A 37 -6.14 30.09 -4.38
C TYR A 37 -7.54 30.68 -4.33
N GLY A 38 -7.98 31.15 -3.16
CA GLY A 38 -9.34 31.61 -2.97
C GLY A 38 -10.22 30.67 -2.17
N THR A 39 -9.67 29.56 -1.67
CA THR A 39 -10.42 28.73 -0.74
C THR A 39 -10.72 29.52 0.53
N ASN A 40 -11.95 29.34 1.04
CA ASN A 40 -12.39 29.99 2.27
C ASN A 40 -11.82 29.25 3.49
N LEU A 41 -10.52 29.41 3.70
CA LEU A 41 -9.88 28.88 4.90
C LEU A 41 -10.08 29.84 6.05
N VAL A 42 -10.75 29.39 7.11
CA VAL A 42 -11.24 30.27 8.16
C VAL A 42 -10.57 30.04 9.51
N GLY A 43 -9.67 29.08 9.63
CA GLY A 43 -9.00 28.81 10.88
C GLY A 43 -8.56 27.37 10.93
N GLY A 44 -8.16 26.94 12.12
CA GLY A 44 -7.66 25.58 12.25
C GLY A 44 -7.45 25.20 13.70
N THR A 45 -7.04 23.94 13.89
CA THR A 45 -6.84 23.40 15.22
C THR A 45 -5.43 22.84 15.38
N THR A 46 -4.88 23.07 16.57
CA THR A 46 -3.76 22.31 17.10
C THR A 46 -4.04 22.20 18.59
N PRO A 47 -4.18 21.00 19.15
CA PRO A 47 -4.49 20.89 20.58
C PRO A 47 -3.41 21.56 21.41
N GLY A 48 -3.83 22.42 22.33
CA GLY A 48 -2.92 23.15 23.16
C GLY A 48 -2.51 24.51 22.64
N LYS A 49 -2.85 24.85 21.39
CA LYS A 49 -2.50 26.14 20.82
C LYS A 49 -3.73 27.01 20.54
N GLY A 50 -4.87 26.65 21.09
CA GLY A 50 -6.03 27.52 20.99
C GLY A 50 -5.75 28.89 21.59
N GLY A 51 -6.38 29.91 21.00
CA GLY A 51 -6.19 31.26 21.45
C GLY A 51 -4.98 31.96 20.88
N LYS A 52 -4.39 31.40 19.84
CA LYS A 52 -3.36 32.05 19.06
C LYS A 52 -3.94 32.41 17.70
N THR A 53 -3.23 33.28 16.97
CA THR A 53 -3.51 33.47 15.55
C THR A 53 -2.35 32.91 14.74
N HIS A 54 -2.66 32.57 13.50
CA HIS A 54 -1.71 31.93 12.60
C HIS A 54 -2.19 32.27 11.19
N LEU A 55 -1.31 32.85 10.38
CA LEU A 55 -1.70 33.36 9.07
C LEU A 55 -2.86 34.34 9.16
N GLY A 56 -2.92 35.08 10.26
CA GLY A 56 -4.01 36.03 10.46
C GLY A 56 -5.34 35.41 10.82
N LEU A 57 -5.37 34.10 11.08
CA LEU A 57 -6.59 33.35 11.34
C LEU A 57 -6.53 32.73 12.72
N PRO A 58 -7.68 32.43 13.32
CA PRO A 58 -7.68 31.89 14.69
C PRO A 58 -7.29 30.42 14.72
N VAL A 59 -6.55 30.06 15.77
CA VAL A 59 -6.21 28.68 16.09
C VAL A 59 -7.06 28.26 17.28
N PHE A 60 -7.60 27.03 17.21
CA PHE A 60 -8.49 26.50 18.24
C PHE A 60 -7.95 25.19 18.80
N ASN A 61 -8.33 24.90 20.06
CA ASN A 61 -7.92 23.65 20.69
C ASN A 61 -8.72 22.44 20.20
N THR A 62 -9.93 22.65 19.71
CA THR A 62 -10.83 21.57 19.33
C THR A 62 -11.55 21.89 18.03
N VAL A 63 -11.91 20.82 17.31
CA VAL A 63 -12.72 20.97 16.10
C VAL A 63 -14.08 21.56 16.43
N LYS A 64 -14.67 21.15 17.55
CA LYS A 64 -15.98 21.68 17.92
C LYS A 64 -15.93 23.20 18.07
N GLU A 65 -14.93 23.72 18.76
CA GLU A 65 -14.86 25.17 18.93
C GLU A 65 -14.61 25.85 17.60
N ALA A 66 -13.67 25.31 16.81
CA ALA A 66 -13.39 25.90 15.50
C ALA A 66 -14.65 25.96 14.64
N LYS A 67 -15.40 24.87 14.60
CA LYS A 67 -16.61 24.80 13.78
C LYS A 67 -17.65 25.80 14.26
N GLU A 68 -17.89 25.84 15.57
CA GLU A 68 -18.91 26.75 16.10
C GLU A 68 -18.53 28.20 15.88
N GLN A 69 -17.24 28.51 15.90
CA GLN A 69 -16.80 29.91 15.83
C GLN A 69 -16.62 30.42 14.41
N THR A 70 -16.53 29.53 13.42
CA THR A 70 -16.30 29.93 12.04
C THR A 70 -17.38 29.49 11.07
N GLY A 71 -18.30 28.61 11.48
CA GLY A 71 -19.24 28.05 10.53
C GLY A 71 -18.63 27.11 9.53
N ALA A 72 -17.44 26.58 9.80
CA ALA A 72 -16.77 25.70 8.86
C ALA A 72 -17.66 24.51 8.50
N THR A 73 -17.63 24.14 7.22
CA THR A 73 -18.34 22.97 6.71
C THR A 73 -17.40 21.88 6.22
N ALA A 74 -16.10 22.12 6.25
CA ALA A 74 -15.13 21.11 5.84
C ALA A 74 -13.87 21.27 6.67
N SER A 75 -13.15 20.16 6.85
CA SER A 75 -11.86 20.17 7.52
CA SER A 75 -11.85 20.18 7.51
C SER A 75 -10.86 19.38 6.69
N VAL A 76 -9.60 19.80 6.73
CA VAL A 76 -8.50 19.10 6.05
C VAL A 76 -7.45 18.79 7.11
N ILE A 77 -6.94 17.56 7.09
CA ILE A 77 -6.08 17.04 8.16
C ILE A 77 -4.66 16.89 7.64
N TYR A 78 -3.74 17.60 8.29
CA TYR A 78 -2.30 17.46 8.10
C TYR A 78 -1.67 17.06 9.43
N VAL A 79 -2.17 15.99 10.03
CA VAL A 79 -1.76 15.55 11.36
C VAL A 79 -0.89 14.31 11.20
N PRO A 80 0.20 14.15 11.96
CA PRO A 80 1.12 13.02 11.70
C PRO A 80 0.45 11.68 11.97
N PRO A 81 1.02 10.60 11.43
CA PRO A 81 0.33 9.29 11.45
C PRO A 81 -0.08 8.81 12.83
N PRO A 82 0.69 9.05 13.89
CA PRO A 82 0.29 8.49 15.20
C PRO A 82 -1.01 9.06 15.74
N PHE A 83 -1.44 10.23 15.24
CA PHE A 83 -2.57 10.95 15.79
C PHE A 83 -3.64 11.28 14.77
N ALA A 84 -3.42 10.96 13.48
CA ALA A 84 -4.35 11.38 12.45
C ALA A 84 -5.70 10.68 12.56
N ALA A 85 -5.72 9.41 12.97
CA ALA A 85 -7.01 8.74 13.15
C ALA A 85 -7.83 9.43 14.25
N ALA A 86 -7.18 9.84 15.34
CA ALA A 86 -7.88 10.58 16.38
C ALA A 86 -8.43 11.90 15.84
N ALA A 87 -7.68 12.55 14.94
CA ALA A 87 -8.12 13.80 14.34
C ALA A 87 -9.36 13.57 13.48
N ILE A 88 -9.36 12.50 12.68
CA ILE A 88 -10.55 12.15 11.91
C ILE A 88 -11.73 11.92 12.85
N ASN A 89 -11.53 11.11 13.88
CA ASN A 89 -12.62 10.81 14.80
C ASN A 89 -13.14 12.07 15.48
N GLU A 90 -12.25 13.01 15.82
CA GLU A 90 -12.72 14.25 16.42
C GLU A 90 -13.62 15.00 15.46
N ALA A 91 -13.27 15.00 14.17
CA ALA A 91 -14.08 15.70 13.18
C ALA A 91 -15.41 14.99 12.96
N ILE A 92 -15.42 13.66 13.01
CA ILE A 92 -16.68 12.93 12.92
C ILE A 92 -17.57 13.29 14.12
N ASP A 93 -17.00 13.27 15.32
CA ASP A 93 -17.77 13.55 16.53
C ASP A 93 -18.36 14.95 16.50
N ALA A 94 -17.65 15.90 15.90
CA ALA A 94 -18.11 17.27 15.76
C ALA A 94 -19.06 17.45 14.57
N GLU A 95 -19.31 16.39 13.81
CA GLU A 95 -20.28 16.41 12.70
C GLU A 95 -19.87 17.39 11.62
N VAL A 96 -18.57 17.49 11.37
CA VAL A 96 -18.09 18.28 10.22
C VAL A 96 -18.56 17.60 8.93
N PRO A 97 -19.23 18.31 8.02
CA PRO A 97 -19.81 17.61 6.85
C PRO A 97 -18.79 16.89 5.98
N LEU A 98 -17.64 17.52 5.70
CA LEU A 98 -16.61 16.92 4.85
C LEU A 98 -15.28 16.98 5.59
N VAL A 99 -14.59 15.84 5.65
CA VAL A 99 -13.27 15.74 6.23
C VAL A 99 -12.35 15.15 5.19
N VAL A 100 -11.22 15.82 4.94
CA VAL A 100 -10.24 15.41 3.94
C VAL A 100 -8.93 15.11 4.66
N CYS A 101 -8.48 13.86 4.64
CA CYS A 101 -7.26 13.48 5.38
C CYS A 101 -6.11 13.25 4.39
N ILE A 102 -5.11 14.14 4.45
CA ILE A 102 -3.96 14.04 3.55
C ILE A 102 -2.95 13.01 4.03
N THR A 103 -2.90 12.75 5.34
CA THR A 103 -1.82 11.99 5.94
C THR A 103 -1.61 10.62 5.31
N GLU A 104 -0.35 10.31 5.02
CA GLU A 104 0.08 8.97 4.64
C GLU A 104 0.77 8.31 5.84
N GLY A 105 0.50 7.03 6.05
CA GLY A 105 1.14 6.29 7.12
C GLY A 105 0.29 5.96 8.32
N ILE A 106 -1.01 6.20 8.28
CA ILE A 106 -1.86 5.81 9.41
C ILE A 106 -1.90 4.29 9.50
N PRO A 107 -1.73 3.69 10.68
CA PRO A 107 -1.87 2.24 10.77
C PRO A 107 -3.19 1.76 10.20
N GLN A 108 -3.13 0.70 9.40
CA GLN A 108 -4.34 0.13 8.80
C GLN A 108 -5.39 -0.19 9.86
N GLN A 109 -4.96 -0.73 11.01
CA GLN A 109 -5.93 -1.07 12.04
C GLN A 109 -6.63 0.16 12.59
N ASP A 110 -5.92 1.29 12.69
CA ASP A 110 -6.57 2.54 13.09
C ASP A 110 -7.72 2.87 12.15
N MET A 111 -7.50 2.70 10.83
CA MET A 111 -8.51 3.09 9.85
C MET A 111 -9.69 2.11 9.85
N VAL A 112 -9.45 0.83 10.14
CA VAL A 112 -10.58 -0.08 10.29
C VAL A 112 -11.49 0.39 11.42
N ARG A 113 -10.90 0.86 12.51
CA ARG A 113 -11.69 1.36 13.63
C ARG A 113 -12.42 2.65 13.27
N VAL A 114 -11.74 3.56 12.56
CA VAL A 114 -12.39 4.79 12.12
C VAL A 114 -13.58 4.47 11.23
N LYS A 115 -13.38 3.60 10.24
CA LYS A 115 -14.44 3.25 9.31
C LYS A 115 -15.64 2.64 10.04
N HIS A 116 -15.40 1.91 11.13
CA HIS A 116 -16.52 1.37 11.91
C HIS A 116 -17.42 2.49 12.42
N ARG A 117 -16.83 3.57 12.94
CA ARG A 117 -17.62 4.70 13.41
C ARG A 117 -18.24 5.45 12.23
N LEU A 118 -17.45 5.66 11.18
CA LEU A 118 -17.92 6.40 10.01
C LEU A 118 -19.17 5.77 9.42
N LEU A 119 -19.19 4.43 9.31
CA LEU A 119 -20.28 3.73 8.64
C LEU A 119 -21.58 3.77 9.44
N ARG A 120 -21.51 4.13 10.72
CA ARG A 120 -22.68 4.16 11.59
C ARG A 120 -23.21 5.57 11.82
N GLN A 121 -22.85 6.51 10.94
CA GLN A 121 -23.39 7.86 10.97
C GLN A 121 -23.50 8.38 9.54
N GLY A 122 -24.17 9.52 9.40
CA GLY A 122 -24.46 10.06 8.09
C GLY A 122 -24.17 11.55 7.96
N LYS A 123 -23.62 12.15 9.02
CA LYS A 123 -23.37 13.59 9.01
C LYS A 123 -22.05 13.93 8.33
N THR A 124 -21.03 13.10 8.52
CA THR A 124 -19.66 13.37 8.07
C THR A 124 -19.27 12.45 6.93
N ARG A 125 -18.68 13.05 5.88
CA ARG A 125 -18.10 12.34 4.75
C ARG A 125 -16.57 12.48 4.85
N LEU A 126 -15.87 11.34 4.85
CA LEU A 126 -14.41 11.34 4.87
C LEU A 126 -13.86 10.99 3.49
N ILE A 127 -12.92 11.82 3.01
CA ILE A 127 -12.08 11.48 1.87
C ILE A 127 -10.69 11.17 2.42
N GLY A 128 -10.15 10.03 2.01
CA GLY A 128 -8.81 9.63 2.41
C GLY A 128 -8.85 8.55 3.46
N PRO A 129 -7.72 8.31 4.15
CA PRO A 129 -6.49 9.12 4.14
C PRO A 129 -5.53 8.84 2.98
N ASN A 130 -4.31 9.36 3.08
CA ASN A 130 -3.29 9.17 2.06
C ASN A 130 -3.81 9.61 0.70
N CYS A 131 -4.35 10.82 0.65
CA CYS A 131 -4.96 11.32 -0.58
C CYS A 131 -4.58 12.78 -0.78
N PRO A 132 -4.66 13.25 -2.03
CA PRO A 132 -4.32 14.65 -2.31
C PRO A 132 -5.45 15.62 -2.04
N GLY A 133 -6.66 15.12 -1.85
CA GLY A 133 -7.79 15.97 -1.56
C GLY A 133 -8.82 16.06 -2.67
N VAL A 134 -9.52 17.19 -2.73
CA VAL A 134 -10.62 17.37 -3.67
C VAL A 134 -10.53 18.79 -4.19
N ILE A 135 -10.90 18.96 -5.46
CA ILE A 135 -10.85 20.30 -6.07
C ILE A 135 -12.02 20.48 -7.03
N ASN A 136 -12.70 21.62 -6.89
CA ASN A 136 -13.65 22.14 -7.87
C ASN A 136 -12.93 23.32 -8.53
N PRO A 137 -12.36 23.15 -9.73
CA PRO A 137 -11.45 24.17 -10.26
C PRO A 137 -12.07 25.57 -10.34
N GLY A 138 -11.34 26.55 -9.80
CA GLY A 138 -11.80 27.91 -9.77
C GLY A 138 -12.82 28.22 -8.69
N GLU A 139 -13.20 27.22 -7.89
CA GLU A 139 -14.19 27.41 -6.83
CA GLU A 139 -14.20 27.42 -6.84
C GLU A 139 -13.67 27.03 -5.46
N CYS A 140 -13.04 25.86 -5.31
CA CYS A 140 -12.59 25.44 -4.00
C CYS A 140 -11.54 24.35 -4.17
N LYS A 141 -10.40 24.54 -3.50
CA LYS A 141 -9.31 23.58 -3.47
C LYS A 141 -9.02 23.19 -2.03
N ILE A 142 -9.14 21.91 -1.72
CA ILE A 142 -8.82 21.39 -0.39
C ILE A 142 -7.82 20.27 -0.61
N GLY A 143 -6.53 20.57 -0.46
CA GLY A 143 -5.54 19.54 -0.62
C GLY A 143 -4.24 20.10 -1.19
N ILE A 144 -3.46 19.20 -1.78
CA ILE A 144 -2.07 19.46 -2.14
CA ILE A 144 -2.08 19.49 -2.15
C ILE A 144 -1.83 19.41 -3.64
N MET A 145 -2.88 19.21 -4.44
CA MET A 145 -2.70 19.16 -5.89
C MET A 145 -2.21 20.52 -6.40
N PRO A 146 -1.40 20.52 -7.46
CA PRO A 146 -0.94 21.79 -8.04
C PRO A 146 -2.11 22.52 -8.69
N GLY A 147 -2.42 23.72 -8.22
CA GLY A 147 -3.62 24.41 -8.70
C GLY A 147 -3.55 24.74 -10.19
N HIS A 148 -2.36 25.12 -10.68
CA HIS A 148 -2.28 25.79 -11.98
C HIS A 148 -2.57 24.88 -13.18
N ILE A 149 -2.62 23.55 -13.00
CA ILE A 149 -2.87 22.67 -14.13
C ILE A 149 -4.34 22.40 -14.40
N HIS A 150 -5.23 22.83 -13.52
CA HIS A 150 -6.66 22.55 -13.65
C HIS A 150 -7.34 23.60 -14.52
N LYS A 151 -8.56 23.25 -14.94
CA LYS A 151 -9.40 24.13 -15.76
C LYS A 151 -10.83 23.68 -15.55
N LYS A 152 -11.70 24.60 -15.15
CA LYS A 152 -13.10 24.21 -14.96
C LYS A 152 -13.69 23.71 -16.27
N GLY A 153 -14.32 22.55 -16.21
CA GLY A 153 -14.81 21.89 -17.41
C GLY A 153 -15.69 20.68 -17.15
N ARG A 154 -15.49 19.64 -17.96
CA ARG A 154 -16.53 18.65 -18.23
C ARG A 154 -16.26 17.26 -17.70
N ILE A 155 -15.05 16.96 -17.22
CA ILE A 155 -14.65 15.62 -16.83
C ILE A 155 -14.56 15.52 -15.30
N GLY A 156 -15.26 14.54 -14.74
CA GLY A 156 -15.09 14.21 -13.34
C GLY A 156 -14.02 13.14 -13.21
N ILE A 157 -13.10 13.34 -12.27
CA ILE A 157 -11.96 12.43 -12.10
C ILE A 157 -11.95 11.89 -10.68
N VAL A 158 -11.82 10.57 -10.55
CA VAL A 158 -11.64 9.91 -9.26
C VAL A 158 -10.48 8.93 -9.40
N SER A 159 -9.59 8.92 -8.41
CA SER A 159 -8.33 8.21 -8.51
C SER A 159 -7.82 7.75 -7.15
N ARG A 160 -7.24 6.55 -7.11
CA ARG A 160 -6.51 6.09 -5.94
C ARG A 160 -5.10 6.66 -5.86
N SER A 161 -4.68 7.42 -6.88
CA SER A 161 -3.33 7.95 -6.96
C SER A 161 -3.38 9.45 -7.16
N GLY A 162 -2.65 10.19 -6.32
CA GLY A 162 -2.57 11.63 -6.51
C GLY A 162 -1.83 11.99 -7.79
N THR A 163 -0.63 11.43 -7.97
CA THR A 163 0.14 11.76 -9.17
C THR A 163 -0.61 11.43 -10.44
N LEU A 164 -1.34 10.31 -10.47
CA LEU A 164 -2.08 9.99 -11.68
C LEU A 164 -3.28 10.91 -11.87
N THR A 165 -3.86 11.42 -10.79
CA THR A 165 -4.85 12.46 -10.93
C THR A 165 -4.26 13.65 -11.67
N TYR A 166 -3.05 14.08 -11.28
CA TYR A 166 -2.46 15.23 -11.94
C TYR A 166 -2.24 14.97 -13.42
N GLU A 167 -1.83 13.74 -13.77
CA GLU A 167 -1.71 13.38 -15.17
C GLU A 167 -3.04 13.52 -15.91
N ALA A 168 -4.11 12.97 -15.35
CA ALA A 168 -5.42 13.06 -16.00
C ALA A 168 -5.87 14.51 -16.10
N VAL A 169 -5.64 15.30 -15.04
CA VAL A 169 -5.99 16.71 -15.07
C VAL A 169 -5.24 17.42 -16.18
N HIS A 170 -3.91 17.27 -16.20
CA HIS A 170 -3.10 17.98 -17.19
C HIS A 170 -3.51 17.58 -18.60
N GLN A 171 -3.70 16.28 -18.84
CA GLN A 171 -4.13 15.80 -20.15
C GLN A 171 -5.47 16.38 -20.56
N THR A 172 -6.44 16.44 -19.63
CA THR A 172 -7.77 16.92 -19.99
C THR A 172 -7.82 18.44 -20.11
N THR A 173 -6.96 19.16 -19.40
CA THR A 173 -6.84 20.60 -19.63
C THR A 173 -6.20 20.87 -20.99
N GLN A 174 -5.17 20.09 -21.34
CA GLN A 174 -4.46 20.32 -22.60
C GLN A 174 -5.39 20.20 -23.80
N VAL A 175 -6.30 19.22 -23.78
CA VAL A 175 -7.20 19.02 -24.91
C VAL A 175 -8.48 19.84 -24.77
N GLY A 176 -8.54 20.69 -23.75
CA GLY A 176 -9.60 21.68 -23.63
C GLY A 176 -10.87 21.22 -22.92
N LEU A 177 -10.89 19.99 -22.41
CA LEU A 177 -12.12 19.47 -21.80
C LEU A 177 -12.30 20.00 -20.39
N GLY A 178 -11.23 20.10 -19.62
CA GLY A 178 -11.30 20.56 -18.25
C GLY A 178 -11.95 19.54 -17.33
N GLN A 179 -12.09 19.93 -16.06
CA GLN A 179 -12.59 19.05 -15.00
C GLN A 179 -13.76 19.70 -14.28
N SER A 180 -14.77 18.89 -13.98
CA SER A 180 -15.88 19.38 -13.17
C SER A 180 -15.53 19.33 -11.69
N LEU A 181 -15.06 18.17 -11.23
CA LEU A 181 -14.72 17.93 -9.84
C LEU A 181 -13.72 16.79 -9.86
N CYS A 182 -12.64 16.93 -9.11
CA CYS A 182 -11.63 15.90 -8.99
C CYS A 182 -11.55 15.46 -7.55
N VAL A 183 -11.61 14.15 -7.32
CA VAL A 183 -11.56 13.57 -5.97
C VAL A 183 -10.47 12.53 -5.95
N GLY A 184 -9.48 12.72 -5.09
CA GLY A 184 -8.47 11.70 -4.83
C GLY A 184 -8.88 10.87 -3.63
N ILE A 185 -9.27 9.62 -3.86
CA ILE A 185 -9.69 8.77 -2.76
C ILE A 185 -8.53 8.15 -2.01
N GLY A 186 -7.31 8.27 -2.51
CA GLY A 186 -6.14 7.88 -1.76
C GLY A 186 -5.75 6.43 -1.97
N GLY A 187 -4.55 6.11 -1.50
CA GLY A 187 -3.92 4.83 -1.74
C GLY A 187 -3.98 3.87 -0.58
N ASP A 188 -4.76 4.16 0.44
CA ASP A 188 -4.83 3.25 1.57
C ASP A 188 -5.94 2.22 1.39
N PRO A 189 -5.81 1.07 2.04
CA PRO A 189 -6.82 0.02 1.85
C PRO A 189 -8.16 0.35 2.49
N PHE A 190 -8.15 1.04 3.61
CA PHE A 190 -9.37 1.36 4.36
C PHE A 190 -9.49 2.87 4.43
N ASN A 191 -10.54 3.40 3.80
CA ASN A 191 -10.66 4.84 3.59
C ASN A 191 -12.14 5.22 3.62
N GLY A 192 -12.40 6.52 3.50
CA GLY A 192 -13.73 7.04 3.72
C GLY A 192 -14.64 7.09 2.51
N THR A 193 -14.05 7.07 1.30
CA THR A 193 -14.79 7.25 0.06
C THR A 193 -14.18 6.35 -1.00
N ASP A 194 -15.03 5.60 -1.70
CA ASP A 194 -14.58 4.69 -2.74
C ASP A 194 -14.98 5.24 -4.11
N PHE A 195 -14.71 4.45 -5.16
CA PHE A 195 -15.07 4.88 -6.50
C PHE A 195 -16.58 5.05 -6.64
N THR A 196 -17.34 4.10 -6.12
CA THR A 196 -18.79 4.12 -6.27
C THR A 196 -19.39 5.39 -5.67
N ASP A 197 -18.88 5.82 -4.52
CA ASP A 197 -19.37 7.06 -3.92
C ASP A 197 -19.23 8.23 -4.88
N CYS A 198 -18.07 8.35 -5.54
CA CYS A 198 -17.86 9.46 -6.47
C CYS A 198 -18.64 9.27 -7.75
N LEU A 199 -18.80 8.03 -8.21
CA LEU A 199 -19.57 7.78 -9.43
C LEU A 199 -21.02 8.20 -9.25
N GLU A 200 -21.58 7.95 -8.07
CA GLU A 200 -22.94 8.41 -7.80
C GLU A 200 -23.04 9.92 -8.01
N ILE A 201 -22.10 10.67 -7.45
CA ILE A 201 -22.12 12.13 -7.61
C ILE A 201 -21.90 12.52 -9.06
N PHE A 202 -20.93 11.90 -9.74
CA PHE A 202 -20.64 12.28 -11.12
C PHE A 202 -21.83 11.99 -12.03
N LEU A 203 -22.46 10.83 -11.88
CA LEU A 203 -23.53 10.44 -12.80
C LEU A 203 -24.74 11.35 -12.65
N ASN A 204 -24.93 11.94 -11.48
CA ASN A 204 -26.06 12.81 -11.24
C ASN A 204 -25.71 14.30 -11.36
N ASP A 205 -24.47 14.62 -11.72
CA ASP A 205 -24.04 16.01 -11.85
C ASP A 205 -24.16 16.44 -13.30
N PRO A 206 -25.03 17.40 -13.64
CA PRO A 206 -25.11 17.84 -15.04
C PRO A 206 -23.81 18.39 -15.60
N ALA A 207 -22.96 18.98 -14.75
CA ALA A 207 -21.71 19.55 -15.23
C ALA A 207 -20.70 18.47 -15.60
N THR A 208 -20.85 17.25 -15.08
CA THR A 208 -19.96 16.15 -15.40
C THR A 208 -20.54 15.41 -16.60
N GLU A 209 -19.89 15.55 -17.75
CA GLU A 209 -20.33 14.88 -18.97
C GLU A 209 -19.53 13.63 -19.28
N GLY A 210 -18.35 13.47 -18.68
CA GLY A 210 -17.56 12.26 -18.81
C GLY A 210 -16.76 12.05 -17.55
N ILE A 211 -16.26 10.82 -17.38
CA ILE A 211 -15.61 10.42 -16.14
C ILE A 211 -14.30 9.73 -16.46
N ILE A 212 -13.25 10.06 -15.71
CA ILE A 212 -12.02 9.29 -15.69
C ILE A 212 -11.89 8.62 -14.33
N LEU A 213 -11.71 7.30 -14.34
CA LEU A 213 -11.52 6.50 -13.14
C LEU A 213 -10.13 5.89 -13.20
N ILE A 214 -9.29 6.22 -12.21
CA ILE A 214 -7.91 5.76 -12.17
C ILE A 214 -7.75 4.83 -10.97
N GLY A 215 -7.35 3.59 -11.23
CA GLY A 215 -7.14 2.63 -10.18
C GLY A 215 -5.75 2.00 -10.22
N GLU A 216 -5.59 0.95 -9.43
CA GLU A 216 -4.30 0.27 -9.32
C GLU A 216 -4.56 -1.10 -8.70
N ILE A 217 -3.49 -1.88 -8.55
CA ILE A 217 -3.62 -3.19 -7.92
C ILE A 217 -4.12 -3.06 -6.49
N GLY A 218 -4.67 -4.15 -5.97
CA GLY A 218 -5.05 -4.26 -4.57
C GLY A 218 -6.54 -4.08 -4.32
N GLY A 219 -7.08 -4.88 -3.42
CA GLY A 219 -8.47 -4.70 -3.03
C GLY A 219 -9.45 -5.02 -4.15
N ASN A 220 -10.68 -4.53 -3.96
CA ASN A 220 -11.79 -4.82 -4.86
CA ASN A 220 -11.74 -4.81 -4.92
C ASN A 220 -12.60 -3.58 -5.23
N ALA A 221 -12.08 -2.38 -4.97
CA ALA A 221 -12.86 -1.16 -5.21
C ALA A 221 -13.20 -1.01 -6.68
N GLU A 222 -12.25 -1.31 -7.57
CA GLU A 222 -12.51 -1.20 -9.00
C GLU A 222 -13.62 -2.15 -9.43
N GLU A 223 -13.59 -3.38 -8.92
CA GLU A 223 -14.64 -4.34 -9.25
C GLU A 223 -15.99 -3.87 -8.73
N ASN A 224 -16.03 -3.30 -7.51
CA ASN A 224 -17.27 -2.76 -6.99
C ASN A 224 -17.77 -1.61 -7.85
N ALA A 225 -16.86 -0.76 -8.33
CA ALA A 225 -17.23 0.33 -9.22
C ALA A 225 -17.82 -0.21 -10.52
N ALA A 226 -17.21 -1.26 -11.08
CA ALA A 226 -17.76 -1.87 -12.28
C ALA A 226 -19.20 -2.33 -12.06
N GLU A 227 -19.45 -3.01 -10.93
CA GLU A 227 -20.81 -3.45 -10.63
C GLU A 227 -21.76 -2.26 -10.54
N PHE A 228 -21.32 -1.19 -9.87
CA PHE A 228 -22.15 0.00 -9.78
C PHE A 228 -22.50 0.52 -11.17
N LEU A 229 -21.49 0.62 -12.04
CA LEU A 229 -21.72 1.15 -13.39
C LEU A 229 -22.61 0.26 -14.23
N LYS A 230 -22.55 -1.06 -14.01
CA LYS A 230 -23.45 -1.96 -14.73
C LYS A 230 -24.90 -1.63 -14.43
N GLN A 231 -25.19 -1.29 -13.17
CA GLN A 231 -26.56 -1.02 -12.76
C GLN A 231 -27.01 0.40 -13.08
N HIS A 232 -26.09 1.38 -12.98
CA HIS A 232 -26.47 2.78 -12.97
C HIS A 232 -25.96 3.62 -14.14
N ASN A 233 -25.09 3.08 -15.01
CA ASN A 233 -24.59 3.83 -16.15
C ASN A 233 -24.88 3.13 -17.47
N SER A 234 -25.99 2.42 -17.52
CA SER A 234 -26.53 1.90 -18.76
C SER A 234 -27.78 2.68 -19.13
N GLY A 235 -28.01 2.84 -20.43
CA GLY A 235 -29.14 3.59 -20.91
C GLY A 235 -28.74 4.65 -21.89
N PRO A 236 -29.72 5.42 -22.38
CA PRO A 236 -29.39 6.45 -23.37
C PRO A 236 -28.57 7.59 -22.79
N LYS A 237 -28.72 7.87 -21.50
CA LYS A 237 -28.02 8.95 -20.83
C LYS A 237 -26.67 8.51 -20.26
N SER A 238 -26.21 7.29 -20.59
CA SER A 238 -24.97 6.80 -20.04
C SER A 238 -23.82 7.75 -20.39
N LYS A 239 -22.99 8.04 -19.40
CA LYS A 239 -21.88 8.95 -19.62
C LYS A 239 -20.61 8.19 -19.95
N PRO A 240 -19.75 8.68 -20.84
CA PRO A 240 -18.51 7.98 -21.13
C PRO A 240 -17.64 7.89 -19.88
N VAL A 241 -17.03 6.72 -19.69
CA VAL A 241 -16.09 6.48 -18.61
C VAL A 241 -14.83 5.91 -19.23
N VAL A 242 -13.69 6.51 -18.89
CA VAL A 242 -12.38 6.07 -19.35
C VAL A 242 -11.54 5.79 -18.12
N SER A 243 -10.67 4.79 -18.20
CA SER A 243 -9.96 4.36 -17.01
C SER A 243 -8.55 3.92 -17.37
N PHE A 244 -7.66 4.02 -16.39
CA PHE A 244 -6.38 3.35 -16.41
C PHE A 244 -6.17 2.69 -15.06
N ILE A 245 -5.73 1.42 -15.08
CA ILE A 245 -5.42 0.67 -13.88
C ILE A 245 -3.92 0.43 -13.87
N ALA A 246 -3.24 1.02 -12.90
CA ALA A 246 -1.80 0.86 -12.77
C ALA A 246 -1.43 -0.48 -12.14
N GLY A 247 -0.26 -0.98 -12.53
CA GLY A 247 0.31 -2.14 -11.90
C GLY A 247 0.26 -3.45 -12.67
N LEU A 248 -0.02 -3.41 -13.98
CA LEU A 248 0.02 -4.65 -14.76
C LEU A 248 1.40 -5.31 -14.67
N THR A 249 2.46 -4.52 -14.48
CA THR A 249 3.81 -5.05 -14.39
C THR A 249 4.28 -5.24 -12.94
N ALA A 250 3.39 -5.05 -11.97
CA ALA A 250 3.78 -5.15 -10.57
C ALA A 250 4.00 -6.61 -10.19
N PRO A 251 4.98 -6.90 -9.33
CA PRO A 251 5.13 -8.26 -8.82
C PRO A 251 4.10 -8.57 -7.76
N PRO A 252 3.80 -9.84 -7.53
CA PRO A 252 2.83 -10.20 -6.48
C PRO A 252 3.45 -10.20 -5.09
N GLY A 253 2.58 -10.03 -4.10
CA GLY A 253 2.98 -10.14 -2.71
C GLY A 253 3.76 -8.99 -2.14
N ARG A 254 3.80 -7.85 -2.83
CA ARG A 254 4.60 -6.71 -2.41
C ARG A 254 3.74 -5.47 -2.44
N ARG A 255 3.79 -4.68 -1.38
CA ARG A 255 3.09 -3.39 -1.35
C ARG A 255 3.88 -2.39 -2.16
N MET A 256 3.27 -1.89 -3.23
CA MET A 256 3.94 -1.01 -4.18
C MET A 256 3.71 0.44 -3.76
N GLY A 257 4.43 0.84 -2.71
CA GLY A 257 4.38 2.20 -2.21
C GLY A 257 3.17 2.46 -1.35
N HIS A 258 1.99 2.45 -1.98
CA HIS A 258 0.74 2.60 -1.26
C HIS A 258 0.46 1.40 -0.38
N ALA A 259 -0.06 1.66 0.82
CA ALA A 259 -0.41 0.57 1.73
C ALA A 259 -1.44 -0.38 1.11
N GLY A 260 -2.29 0.11 0.22
CA GLY A 260 -3.33 -0.70 -0.36
C GLY A 260 -2.98 -1.39 -1.67
N ALA A 261 -1.76 -1.20 -2.18
CA ALA A 261 -1.42 -1.64 -3.54
C ALA A 261 -0.60 -2.92 -3.47
N ILE A 262 -1.30 -4.05 -3.37
CA ILE A 262 -0.65 -5.34 -3.24
C ILE A 262 -1.56 -6.41 -3.84
N ILE A 263 -0.96 -7.34 -4.55
CA ILE A 263 -1.63 -8.57 -4.97
C ILE A 263 -1.38 -9.59 -3.87
N ALA A 264 -2.40 -9.86 -3.05
CA ALA A 264 -2.25 -10.63 -1.82
C ALA A 264 -3.09 -11.90 -1.93
N GLY A 265 -2.45 -13.05 -1.72
CA GLY A 265 -3.17 -14.30 -1.84
C GLY A 265 -3.85 -14.49 -3.18
N GLY A 266 -3.26 -13.97 -4.25
CA GLY A 266 -3.84 -14.05 -5.57
C GLY A 266 -4.91 -13.01 -5.87
N LYS A 267 -5.26 -12.16 -4.91
CA LYS A 267 -6.32 -11.17 -5.09
C LYS A 267 -5.73 -9.79 -5.34
N GLY A 268 -6.35 -9.04 -6.26
CA GLY A 268 -6.01 -7.65 -6.47
C GLY A 268 -5.23 -7.34 -7.73
N GLY A 269 -5.11 -8.29 -8.65
CA GLY A 269 -4.37 -8.03 -9.88
C GLY A 269 -5.06 -7.03 -10.77
N ALA A 270 -4.26 -6.34 -11.59
CA ALA A 270 -4.79 -5.32 -12.48
C ALA A 270 -5.61 -5.92 -13.61
N LYS A 271 -5.22 -7.10 -14.10
CA LYS A 271 -5.90 -7.68 -15.26
C LYS A 271 -7.38 -7.89 -14.98
N GLU A 272 -7.71 -8.45 -13.81
CA GLU A 272 -9.10 -8.70 -13.47
C GLU A 272 -9.88 -7.39 -13.34
N LYS A 273 -9.21 -6.33 -12.88
CA LYS A 273 -9.86 -5.04 -12.75
C LYS A 273 -10.19 -4.45 -14.11
N ILE A 274 -9.24 -4.52 -15.05
CA ILE A 274 -9.48 -4.05 -16.41
C ILE A 274 -10.64 -4.81 -17.03
N THR A 275 -10.68 -6.14 -16.83
CA THR A 275 -11.76 -6.94 -17.39
C THR A 275 -13.11 -6.53 -16.79
N ALA A 276 -13.15 -6.36 -15.46
CA ALA A 276 -14.40 -5.98 -14.82
C ALA A 276 -14.90 -4.65 -15.34
N LEU A 277 -14.01 -3.67 -15.47
CA LEU A 277 -14.43 -2.35 -15.91
C LEU A 277 -14.87 -2.36 -17.36
N GLN A 278 -14.14 -3.09 -18.22
CA GLN A 278 -14.56 -3.23 -19.61
C GLN A 278 -15.95 -3.84 -19.72
N SER A 279 -16.25 -4.81 -18.86
CA SER A 279 -17.58 -5.42 -18.90
C SER A 279 -18.66 -4.47 -18.42
N ALA A 280 -18.28 -3.39 -17.73
CA ALA A 280 -19.21 -2.37 -17.29
C ALA A 280 -19.27 -1.19 -18.24
N GLY A 281 -18.73 -1.33 -19.46
CA GLY A 281 -18.78 -0.30 -20.45
C GLY A 281 -17.68 0.73 -20.39
N VAL A 282 -16.67 0.54 -19.54
CA VAL A 282 -15.58 1.48 -19.42
C VAL A 282 -14.59 1.26 -20.56
N VAL A 283 -14.10 2.35 -21.14
CA VAL A 283 -13.06 2.31 -22.15
C VAL A 283 -11.72 2.44 -21.43
N VAL A 284 -10.93 1.38 -21.43
CA VAL A 284 -9.67 1.36 -20.71
C VAL A 284 -8.54 1.76 -21.64
N SER A 285 -7.84 2.82 -21.29
CA SER A 285 -6.70 3.29 -22.06
C SER A 285 -5.51 2.36 -21.87
N MET A 286 -4.90 1.95 -22.98
CA MET A 286 -3.70 1.11 -22.89
CA MET A 286 -3.70 1.12 -22.90
C MET A 286 -2.58 1.84 -22.15
N SER A 287 -2.41 3.14 -22.43
CA SER A 287 -1.31 3.91 -21.86
C SER A 287 -1.79 4.97 -20.88
N PRO A 288 -1.06 5.18 -19.78
CA PRO A 288 -1.44 6.25 -18.84
C PRO A 288 -1.26 7.63 -19.43
N ALA A 289 -0.53 7.76 -20.54
CA ALA A 289 -0.36 9.04 -21.20
C ALA A 289 -1.55 9.44 -22.05
N GLN A 290 -2.48 8.53 -22.33
CA GLN A 290 -3.53 8.75 -23.30
C GLN A 290 -4.92 8.82 -22.66
N LEU A 291 -5.01 9.15 -21.38
CA LEU A 291 -6.32 9.32 -20.76
C LEU A 291 -7.09 10.46 -21.43
N GLY A 292 -6.44 11.60 -21.61
CA GLY A 292 -7.11 12.75 -22.20
C GLY A 292 -7.53 12.50 -23.64
N THR A 293 -6.63 11.96 -24.46
CA THR A 293 -6.99 11.69 -25.85
C THR A 293 -8.06 10.61 -25.95
N THR A 294 -8.01 9.61 -25.07
CA THR A 294 -9.03 8.55 -25.12
C THR A 294 -10.42 9.10 -24.83
N ILE A 295 -10.58 9.88 -23.76
CA ILE A 295 -11.92 10.39 -23.47
C ILE A 295 -12.33 11.45 -24.50
N TYR A 296 -11.37 12.22 -25.01
CA TYR A 296 -11.66 13.14 -26.10
C TYR A 296 -12.30 12.40 -27.27
N LYS A 297 -11.69 11.29 -27.68
CA LYS A 297 -12.23 10.52 -28.80
C LYS A 297 -13.63 9.98 -28.50
N GLU A 298 -13.88 9.55 -27.26
CA GLU A 298 -15.22 9.10 -26.91
C GLU A 298 -16.23 10.24 -27.04
N PHE A 299 -15.86 11.44 -26.58
CA PHE A 299 -16.71 12.61 -26.81
C PHE A 299 -16.92 12.85 -28.30
N GLU A 300 -15.84 12.73 -29.08
CA GLU A 300 -15.92 13.03 -30.51
C GLU A 300 -16.92 12.12 -31.20
N LYS A 301 -16.84 10.82 -30.92
CA LYS A 301 -17.73 9.86 -31.56
C LYS A 301 -19.19 10.10 -31.19
N ARG A 302 -19.43 10.66 -30.00
CA ARG A 302 -20.78 10.95 -29.56
CA ARG A 302 -20.78 10.96 -29.53
C ARG A 302 -21.24 12.35 -29.93
N LYS A 303 -20.50 13.03 -30.81
CA LYS A 303 -20.85 14.37 -31.27
C LYS A 303 -20.97 15.33 -30.10
N MET A 304 -20.12 15.14 -29.10
CA MET A 304 -20.09 15.98 -27.91
C MET A 304 -19.08 17.12 -27.99
N LEU A 305 -18.42 17.28 -29.14
CA LEU A 305 -17.47 18.37 -29.35
C LEU A 305 -17.90 19.30 -30.48
N LEU A 306 -19.16 19.23 -30.88
CA LEU A 306 -19.65 20.09 -31.95
C LEU A 306 -19.71 21.54 -31.48
N VAL A 307 -19.33 22.45 -32.37
CA VAL A 307 -19.36 23.88 -32.09
C VAL A 307 -20.74 24.42 -32.44
N HIS A 308 -21.31 25.22 -31.56
CA HIS A 308 -22.57 25.91 -31.82
C HIS A 308 -22.23 27.21 -32.53
N HIS A 309 -22.69 27.34 -33.78
CA HIS A 309 -22.37 28.51 -34.60
C HIS A 309 -23.51 29.52 -34.59
N MET B 1 8.67 -6.38 6.40
N MET B 1 9.26 -6.49 5.65
CA MET B 1 9.80 -7.00 7.16
CA MET B 1 9.85 -7.03 6.90
C MET B 1 9.63 -8.51 7.22
C MET B 1 9.80 -8.55 6.87
N ASN B 2 10.70 -9.20 7.62
CA ASN B 2 10.76 -10.64 7.63
C ASN B 2 11.26 -11.14 8.98
N LEU B 3 10.63 -12.20 9.48
CA LEU B 3 11.05 -12.88 10.69
C LEU B 3 11.50 -14.30 10.37
N GLN B 4 12.55 -14.76 11.04
CA GLN B 4 12.91 -16.16 10.99
C GLN B 4 11.84 -17.00 11.67
N GLU B 5 11.82 -18.29 11.33
CA GLU B 5 10.85 -19.22 11.92
C GLU B 5 10.85 -19.16 13.43
N TYR B 6 12.02 -19.09 14.06
CA TYR B 6 12.07 -19.09 15.51
C TYR B 6 11.50 -17.81 16.10
N GLN B 7 11.59 -16.71 15.36
CA GLN B 7 11.08 -15.44 15.86
C GLN B 7 9.56 -15.38 15.80
N SER B 8 8.98 -15.83 14.68
CA SER B 8 7.52 -15.85 14.58
C SER B 8 6.92 -16.86 15.55
N LYS B 9 7.54 -18.03 15.69
CA LYS B 9 6.99 -19.02 16.62
C LYS B 9 7.09 -18.55 18.06
N LYS B 10 8.17 -17.85 18.42
CA LYS B 10 8.25 -17.29 19.77
C LYS B 10 7.16 -16.25 19.99
N LEU B 11 6.98 -15.35 19.02
CA LEU B 11 5.93 -14.34 19.12
C LEU B 11 4.57 -15.00 19.33
N MET B 12 4.29 -16.07 18.57
CA MET B 12 3.03 -16.78 18.74
C MET B 12 2.93 -17.41 20.11
N SER B 13 3.96 -18.18 20.51
CA SER B 13 3.98 -18.84 21.80
C SER B 13 3.81 -17.85 22.95
N ASP B 14 4.49 -16.71 22.89
CA ASP B 14 4.37 -15.71 23.94
C ASP B 14 2.96 -15.14 24.06
N ASN B 15 2.10 -15.40 23.09
CA ASN B 15 0.73 -14.90 23.08
C ASN B 15 -0.28 -16.05 23.15
N GLY B 16 0.12 -17.18 23.70
CA GLY B 16 -0.79 -18.27 23.96
C GLY B 16 -1.09 -19.17 22.79
N VAL B 17 -0.44 -18.96 21.65
CA VAL B 17 -0.66 -19.84 20.50
C VAL B 17 0.22 -21.07 20.65
N LYS B 18 -0.38 -22.23 20.39
CA LYS B 18 0.32 -23.50 20.56
C LYS B 18 1.20 -23.76 19.34
N VAL B 19 2.51 -23.86 19.58
CA VAL B 19 3.48 -24.27 18.58
C VAL B 19 4.31 -25.40 19.17
N GLN B 20 5.12 -26.05 18.33
CA GLN B 20 6.03 -27.06 18.84
C GLN B 20 6.99 -26.44 19.84
N ARG B 21 7.28 -27.18 20.92
CA ARG B 21 8.28 -26.71 21.87
C ARG B 21 9.64 -26.65 21.20
N PHE B 22 10.40 -25.59 21.48
CA PHE B 22 11.66 -25.41 20.79
C PHE B 22 12.59 -24.49 21.56
N PHE B 23 13.86 -24.58 21.21
CA PHE B 23 14.89 -23.65 21.61
C PHE B 23 15.69 -23.26 20.38
N VAL B 24 16.36 -22.13 20.48
CA VAL B 24 17.24 -21.63 19.42
C VAL B 24 18.67 -21.70 19.92
N ALA B 25 19.58 -22.11 19.04
CA ALA B 25 20.98 -22.28 19.40
C ALA B 25 21.87 -21.58 18.38
N ASP B 26 22.92 -20.93 18.87
CA ASP B 26 23.91 -20.32 18.01
C ASP B 26 25.27 -21.00 18.05
N THR B 27 25.39 -22.12 18.77
CA THR B 27 26.56 -22.97 18.72
C THR B 27 26.13 -24.43 18.76
N ALA B 28 27.04 -25.31 18.33
CA ALA B 28 26.73 -26.74 18.36
C ALA B 28 26.50 -27.23 19.78
N ASN B 29 27.28 -26.72 20.74
CA ASN B 29 27.08 -27.14 22.12
C ASN B 29 25.73 -26.67 22.64
N GLU B 30 25.30 -25.47 22.27
CA GLU B 30 23.97 -25.00 22.68
C GLU B 30 22.88 -25.87 22.09
N ALA B 31 23.08 -26.34 20.84
CA ALA B 31 22.11 -27.23 20.22
C ALA B 31 22.01 -28.54 20.99
N LEU B 32 23.15 -29.07 21.42
CA LEU B 32 23.17 -30.27 22.23
C LEU B 32 22.39 -30.07 23.52
N GLU B 33 22.68 -28.99 24.24
CA GLU B 33 22.01 -28.75 25.51
C GLU B 33 20.52 -28.52 25.32
N ALA B 34 20.16 -27.79 24.26
CA ALA B 34 18.74 -27.60 23.96
C ALA B 34 18.04 -28.92 23.71
N ALA B 35 18.69 -29.82 22.97
CA ALA B 35 18.06 -31.10 22.66
C ALA B 35 17.83 -31.91 23.93
N LYS B 36 18.77 -31.86 24.87
CA LYS B 36 18.58 -32.53 26.15
C LYS B 36 17.44 -31.89 26.94
N ARG B 37 17.39 -30.56 26.92
CA ARG B 37 16.38 -29.82 27.67
C ARG B 37 14.97 -30.09 27.16
N LEU B 38 14.82 -30.40 25.86
CA LEU B 38 13.48 -30.61 25.32
C LEU B 38 12.77 -31.79 25.97
N ASN B 39 13.53 -32.83 26.33
CA ASN B 39 12.95 -34.05 26.86
C ASN B 39 11.85 -34.56 25.93
N ALA B 40 12.15 -34.60 24.64
CA ALA B 40 11.19 -35.01 23.62
C ALA B 40 11.54 -36.40 23.09
N LYS B 41 10.51 -37.11 22.64
CA LYS B 41 10.70 -38.43 22.05
C LYS B 41 11.47 -38.35 20.74
N GLU B 42 11.13 -37.37 19.91
CA GLU B 42 11.85 -37.13 18.67
C GLU B 42 12.09 -35.63 18.53
N ILE B 43 13.23 -35.30 17.94
CA ILE B 43 13.72 -33.93 17.85
C ILE B 43 13.93 -33.61 16.38
N VAL B 44 13.63 -32.37 16.00
CA VAL B 44 13.92 -31.87 14.67
C VAL B 44 14.91 -30.73 14.80
N LEU B 45 15.94 -30.76 13.97
CA LEU B 45 16.96 -29.71 13.89
C LEU B 45 16.75 -28.98 12.57
N LYS B 46 16.56 -27.67 12.62
CA LYS B 46 16.21 -26.88 11.45
C LYS B 46 17.10 -25.64 11.36
N ALA B 47 17.87 -25.54 10.28
CA ALA B 47 18.64 -24.33 10.04
C ALA B 47 17.70 -23.16 9.81
N GLN B 48 18.07 -22.00 10.32
CA GLN B 48 17.22 -20.80 10.25
C GLN B 48 17.69 -19.93 9.09
N ILE B 49 17.00 -20.06 7.95
CA ILE B 49 17.09 -19.11 6.85
C ILE B 49 15.66 -18.80 6.40
N LEU B 50 15.51 -17.67 5.70
CA LEU B 50 14.18 -17.26 5.26
C LEU B 50 13.76 -17.96 3.97
N ALA B 51 14.70 -18.19 3.06
CA ALA B 51 14.36 -18.81 1.79
C ALA B 51 13.80 -20.21 2.00
N GLY B 52 12.98 -20.64 1.06
CA GLY B 52 12.42 -21.98 1.10
C GLY B 52 13.37 -23.03 0.57
N GLY B 53 12.93 -24.28 0.64
CA GLY B 53 13.72 -25.38 0.11
C GLY B 53 14.80 -25.89 1.04
N ARG B 54 14.71 -25.58 2.33
CA ARG B 54 15.75 -26.00 3.28
C ARG B 54 15.94 -27.51 3.25
N GLY B 55 14.85 -28.26 3.09
CA GLY B 55 14.93 -29.70 3.24
C GLY B 55 15.88 -30.36 2.26
N LYS B 56 15.94 -29.85 1.03
CA LYS B 56 16.81 -30.39 -0.01
C LYS B 56 18.07 -29.55 -0.23
N GLY B 57 18.32 -28.57 0.64
CA GLY B 57 19.49 -27.75 0.52
C GLY B 57 20.78 -28.47 0.88
N VAL B 58 21.88 -27.77 0.68
CA VAL B 58 23.22 -28.28 0.95
C VAL B 58 24.03 -27.17 1.60
N PHE B 59 24.74 -27.50 2.68
CA PHE B 59 25.59 -26.55 3.39
C PHE B 59 26.99 -26.54 2.79
N SER B 60 27.68 -25.42 2.98
CA SER B 60 29.07 -25.31 2.54
C SER B 60 30.02 -26.20 3.32
N SER B 61 29.54 -26.83 4.40
CA SER B 61 30.29 -27.88 5.07
C SER B 61 30.28 -29.20 4.32
N GLY B 62 29.34 -29.37 3.39
CA GLY B 62 29.12 -30.64 2.72
C GLY B 62 27.88 -31.37 3.20
N LEU B 63 27.34 -30.99 4.34
CA LEU B 63 26.14 -31.64 4.86
C LEU B 63 24.96 -31.42 3.93
N LYS B 64 24.26 -32.49 3.61
CA LYS B 64 23.04 -32.42 2.82
C LYS B 64 21.82 -32.33 3.74
N GLY B 65 20.96 -31.34 3.45
CA GLY B 65 19.68 -31.23 4.12
C GLY B 65 19.67 -30.29 5.31
N GLY B 66 18.77 -29.32 5.30
CA GLY B 66 18.68 -28.35 6.37
C GLY B 66 17.72 -28.70 7.48
N VAL B 67 17.08 -29.87 7.40
CA VAL B 67 16.09 -30.31 8.36
C VAL B 67 16.36 -31.78 8.66
N HIS B 68 16.71 -32.09 9.89
CA HIS B 68 17.06 -33.45 10.30
C HIS B 68 16.29 -33.85 11.55
N LEU B 69 15.85 -35.11 11.55
CA LEU B 69 15.13 -35.70 12.67
C LEU B 69 15.98 -36.76 13.34
N THR B 70 15.96 -36.78 14.67
CA THR B 70 16.70 -37.79 15.42
C THR B 70 16.07 -37.90 16.81
N LYS B 71 16.27 -39.05 17.44
CA LYS B 71 15.91 -39.20 18.85
C LYS B 71 17.09 -38.95 19.78
N ASP B 72 18.28 -38.71 19.23
CA ASP B 72 19.52 -38.66 20.01
C ASP B 72 20.01 -37.22 20.14
N PRO B 73 19.98 -36.64 21.34
CA PRO B 73 20.50 -35.26 21.48
C PRO B 73 21.93 -35.07 20.98
N GLU B 74 22.79 -36.07 21.11
CA GLU B 74 24.15 -35.90 20.63
C GLU B 74 24.21 -35.75 19.12
N VAL B 75 23.30 -36.41 18.40
CA VAL B 75 23.26 -36.25 16.95
C VAL B 75 22.83 -34.84 16.60
N VAL B 76 21.92 -34.25 17.38
CA VAL B 76 21.54 -32.86 17.16
C VAL B 76 22.78 -31.95 17.22
N GLY B 77 23.57 -32.11 18.29
CA GLY B 77 24.78 -31.30 18.40
C GLY B 77 25.74 -31.53 17.27
N GLN B 78 25.92 -32.79 16.87
CA GLN B 78 26.88 -33.11 15.81
C GLN B 78 26.45 -32.50 14.49
N LEU B 79 25.17 -32.65 14.13
CA LEU B 79 24.71 -32.09 12.87
C LEU B 79 24.70 -30.56 12.92
N ALA B 80 24.34 -29.98 14.07
CA ALA B 80 24.42 -28.52 14.21
C ALA B 80 25.83 -28.01 13.98
N LYS B 81 26.84 -28.79 14.37
CA LYS B 81 28.24 -28.42 14.13
C LYS B 81 28.53 -28.25 12.64
N GLN B 82 27.82 -28.99 11.79
CA GLN B 82 28.00 -28.94 10.36
C GLN B 82 27.04 -27.96 9.70
N MET B 83 26.28 -27.20 10.49
CA MET B 83 25.36 -26.19 9.99
C MET B 83 25.79 -24.77 10.36
N ILE B 84 26.09 -24.54 11.64
CA ILE B 84 26.28 -23.19 12.15
C ILE B 84 27.59 -22.63 11.63
N GLY B 85 27.54 -21.40 11.12
CA GLY B 85 28.68 -20.75 10.52
C GLY B 85 28.85 -21.04 9.05
N TYR B 86 28.11 -21.98 8.50
CA TYR B 86 28.20 -22.35 7.10
C TYR B 86 27.08 -21.70 6.31
N ASN B 87 27.21 -21.75 4.99
CA ASN B 87 26.19 -21.23 4.08
C ASN B 87 25.29 -22.37 3.63
N LEU B 88 23.98 -22.14 3.69
CA LEU B 88 22.99 -23.09 3.19
C LEU B 88 22.48 -22.59 1.85
N ALA B 89 22.68 -23.40 0.81
CA ALA B 89 22.17 -23.13 -0.52
C ALA B 89 20.94 -24.00 -0.79
N THR B 90 19.91 -23.40 -1.39
CA THR B 90 18.72 -24.13 -1.77
C THR B 90 18.28 -23.66 -3.16
N LYS B 91 17.23 -24.27 -3.69
CA LYS B 91 16.66 -23.82 -4.96
C LYS B 91 16.22 -22.36 -4.91
N GLN B 92 15.90 -21.83 -3.73
CA GLN B 92 15.40 -20.47 -3.59
C GLN B 92 16.44 -19.48 -3.09
N THR B 93 17.72 -19.87 -3.03
CA THR B 93 18.78 -18.97 -2.68
C THR B 93 19.70 -18.74 -3.88
N PRO B 94 20.51 -17.70 -3.86
CA PRO B 94 21.62 -17.61 -4.83
C PRO B 94 22.57 -18.78 -4.66
N LYS B 95 23.46 -18.92 -5.65
CA LYS B 95 24.41 -20.02 -5.64
C LYS B 95 25.22 -20.06 -4.35
N GLU B 96 25.61 -18.89 -3.85
CA GLU B 96 26.45 -18.84 -2.66
C GLU B 96 25.73 -19.31 -1.39
N GLY B 97 24.41 -19.34 -1.41
CA GLY B 97 23.65 -19.68 -0.22
C GLY B 97 23.62 -18.53 0.79
N VAL B 98 23.08 -18.85 1.96
CA VAL B 98 22.85 -17.90 3.03
C VAL B 98 23.54 -18.41 4.30
N LYS B 99 24.23 -17.51 4.99
CA LYS B 99 24.94 -17.90 6.21
C LYS B 99 23.94 -18.28 7.30
N VAL B 100 24.19 -19.40 7.94
CA VAL B 100 23.34 -19.90 9.02
C VAL B 100 24.03 -19.57 10.33
N ASN B 101 23.45 -18.65 11.10
CA ASN B 101 23.97 -18.32 12.41
C ASN B 101 23.22 -18.99 13.54
N LYS B 102 22.00 -19.46 13.29
CA LYS B 102 21.15 -20.04 14.32
C LYS B 102 20.44 -21.28 13.77
N VAL B 103 20.20 -22.24 14.66
CA VAL B 103 19.36 -23.39 14.37
C VAL B 103 18.24 -23.45 15.40
N MET B 104 17.10 -23.99 14.99
CA MET B 104 16.03 -24.32 15.92
C MET B 104 16.13 -25.80 16.28
N VAL B 105 16.01 -26.10 17.58
CA VAL B 105 15.99 -27.46 18.09
C VAL B 105 14.60 -27.63 18.70
N ALA B 106 13.76 -28.45 18.06
CA ALA B 106 12.35 -28.49 18.39
C ALA B 106 11.87 -29.93 18.58
N GLU B 107 10.77 -30.06 19.30
CA GLU B 107 10.09 -31.34 19.38
C GLU B 107 9.44 -31.63 18.03
N ALA B 108 9.71 -32.80 17.49
CA ALA B 108 9.15 -33.21 16.20
C ALA B 108 7.77 -33.81 16.46
N LEU B 109 6.76 -33.23 15.83
CA LEU B 109 5.38 -33.65 16.03
C LEU B 109 4.85 -34.22 14.72
N ASP B 110 4.13 -35.33 14.82
CA ASP B 110 3.42 -35.89 13.68
C ASP B 110 2.13 -35.10 13.45
N ILE B 111 1.70 -35.08 12.19
CA ILE B 111 0.49 -34.35 11.78
C ILE B 111 -0.57 -35.37 11.37
N SER B 112 -1.73 -35.30 12.03
CA SER B 112 -2.87 -36.16 11.72
C SER B 112 -3.97 -35.45 10.94
N ARG B 113 -4.09 -34.13 11.07
CA ARG B 113 -5.03 -33.35 10.29
C ARG B 113 -4.31 -32.06 9.91
N GLU B 114 -4.50 -31.61 8.67
CA GLU B 114 -3.93 -30.37 8.17
C GLU B 114 -5.06 -29.48 7.66
N THR B 115 -5.13 -28.24 8.15
CA THR B 115 -6.09 -27.26 7.68
C THR B 115 -5.38 -25.93 7.46
N TYR B 116 -6.10 -25.00 6.83
CA TYR B 116 -5.61 -23.66 6.53
C TYR B 116 -6.41 -22.65 7.33
N LEU B 117 -5.73 -21.71 7.98
CA LEU B 117 -6.41 -20.63 8.69
C LEU B 117 -5.59 -19.36 8.58
N ALA B 118 -6.22 -18.29 8.08
CA ALA B 118 -5.58 -16.98 8.02
C ALA B 118 -6.51 -15.94 8.61
N ILE B 119 -5.91 -14.88 9.16
CA ILE B 119 -6.63 -13.72 9.66
C ILE B 119 -6.05 -12.50 9.00
N LEU B 120 -6.91 -11.62 8.49
CA LEU B 120 -6.49 -10.40 7.82
C LEU B 120 -7.65 -9.43 7.89
N MET B 121 -7.40 -8.18 7.53
CA MET B 121 -8.47 -7.21 7.41
C MET B 121 -9.11 -7.37 6.03
N ASP B 122 -10.41 -7.60 6.00
CA ASP B 122 -11.09 -7.87 4.73
C ASP B 122 -11.10 -6.61 3.87
N ARG B 123 -10.67 -6.74 2.61
CA ARG B 123 -10.68 -5.60 1.69
C ARG B 123 -12.06 -5.31 1.10
N SER B 124 -13.05 -6.19 1.31
CA SER B 124 -14.41 -5.97 0.81
C SER B 124 -15.41 -5.68 1.91
N CYS B 125 -15.15 -6.13 3.13
CA CYS B 125 -15.97 -5.83 4.30
CA CYS B 125 -15.97 -5.84 4.29
C CYS B 125 -15.08 -5.11 5.29
N ASN B 126 -15.62 -4.10 5.96
CA ASN B 126 -14.82 -3.44 6.97
C ASN B 126 -14.63 -4.39 8.14
N GLY B 127 -13.38 -4.68 8.49
CA GLY B 127 -13.09 -5.44 9.67
C GLY B 127 -12.34 -6.71 9.41
N PRO B 128 -11.85 -7.33 10.47
CA PRO B 128 -11.09 -8.57 10.33
C PRO B 128 -11.96 -9.69 9.77
N VAL B 129 -11.30 -10.65 9.14
CA VAL B 129 -11.96 -11.82 8.60
C VAL B 129 -11.09 -13.04 8.89
N LEU B 130 -11.74 -14.13 9.30
CA LEU B 130 -11.09 -15.43 9.37
C LEU B 130 -11.34 -16.15 8.04
N VAL B 131 -10.28 -16.64 7.43
CA VAL B 131 -10.33 -17.37 6.16
C VAL B 131 -9.78 -18.76 6.43
N GLY B 132 -10.60 -19.78 6.23
CA GLY B 132 -10.22 -21.13 6.58
C GLY B 132 -10.62 -22.13 5.52
N SER B 133 -9.88 -23.25 5.48
CA SER B 133 -10.23 -24.36 4.64
C SER B 133 -9.82 -25.68 5.28
N PRO B 134 -10.68 -26.70 5.26
CA PRO B 134 -10.22 -28.03 5.68
C PRO B 134 -9.14 -28.61 4.77
N GLN B 135 -8.90 -28.01 3.61
CA GLN B 135 -7.87 -28.47 2.69
C GLN B 135 -6.58 -27.73 3.04
N GLY B 136 -5.80 -28.32 3.96
CA GLY B 136 -4.58 -27.69 4.42
C GLY B 136 -3.36 -28.16 3.66
N GLY B 137 -2.25 -27.46 3.88
CA GLY B 137 -0.99 -27.87 3.32
C GLY B 137 -0.74 -27.47 1.88
N VAL B 138 -1.56 -26.58 1.31
CA VAL B 138 -1.36 -26.09 -0.05
C VAL B 138 -1.65 -24.59 -0.08
N ASP B 139 -1.10 -23.92 -1.09
CA ASP B 139 -1.35 -22.50 -1.25
C ASP B 139 -2.85 -22.25 -1.33
N ILE B 140 -3.30 -21.19 -0.64
CA ILE B 140 -4.73 -20.88 -0.64
C ILE B 140 -5.24 -20.65 -2.06
N GLU B 141 -4.38 -20.11 -2.93
CA GLU B 141 -4.76 -19.90 -4.33
C GLU B 141 -5.18 -21.21 -4.99
N GLU B 142 -4.48 -22.31 -4.70
CA GLU B 142 -4.84 -23.59 -5.30
C GLU B 142 -6.23 -24.03 -4.86
N VAL B 143 -6.53 -23.90 -3.56
CA VAL B 143 -7.84 -24.30 -3.07
C VAL B 143 -8.94 -23.44 -3.70
N ALA B 144 -8.69 -22.14 -3.79
CA ALA B 144 -9.68 -21.26 -4.39
C ALA B 144 -10.00 -21.68 -5.82
N ALA B 145 -8.97 -22.12 -6.55
CA ALA B 145 -9.16 -22.50 -7.95
C ALA B 145 -9.85 -23.85 -8.08
N SER B 146 -9.44 -24.83 -7.30
CA SER B 146 -9.94 -26.19 -7.44
C SER B 146 -11.20 -26.45 -6.63
N ASN B 147 -11.30 -25.91 -5.42
CA ASN B 147 -12.41 -26.20 -4.51
C ASN B 147 -12.82 -24.94 -3.77
N PRO B 148 -13.35 -23.95 -4.48
CA PRO B 148 -13.83 -22.74 -3.79
C PRO B 148 -14.87 -23.02 -2.72
N GLU B 149 -15.61 -24.11 -2.85
CA GLU B 149 -16.62 -24.47 -1.86
C GLU B 149 -16.01 -24.87 -0.52
N LEU B 150 -14.69 -25.11 -0.47
CA LEU B 150 -14.01 -25.49 0.75
C LEU B 150 -13.31 -24.30 1.41
N ILE B 151 -13.63 -23.08 0.99
CA ILE B 151 -13.12 -21.86 1.62
CA ILE B 151 -13.12 -21.87 1.64
C ILE B 151 -14.25 -21.26 2.44
N PHE B 152 -14.00 -21.04 3.73
CA PHE B 152 -14.99 -20.51 4.66
C PHE B 152 -14.47 -19.20 5.24
N LYS B 153 -15.40 -18.27 5.50
CA LYS B 153 -15.05 -16.99 6.08
C LYS B 153 -15.97 -16.66 7.24
N GLU B 154 -15.41 -16.02 8.25
CA GLU B 154 -16.16 -15.43 9.35
C GLU B 154 -15.77 -13.97 9.45
N GLN B 155 -16.73 -13.08 9.24
CA GLN B 155 -16.48 -11.64 9.35
C GLN B 155 -16.60 -11.24 10.82
N ILE B 156 -15.57 -10.55 11.33
CA ILE B 156 -15.48 -10.17 12.73
C ILE B 156 -15.72 -8.67 12.86
N ASP B 157 -16.48 -8.27 13.87
CA ASP B 157 -16.66 -6.85 14.17
C ASP B 157 -15.53 -6.38 15.07
N ILE B 158 -14.79 -5.36 14.60
CA ILE B 158 -13.56 -4.95 15.29
CA ILE B 158 -13.56 -4.97 15.29
C ILE B 158 -13.85 -4.45 16.70
N ILE B 159 -15.03 -3.88 16.93
CA ILE B 159 -15.33 -3.35 18.25
C ILE B 159 -15.84 -4.45 19.18
N GLU B 160 -16.72 -5.31 18.67
CA GLU B 160 -17.25 -6.42 19.46
C GLU B 160 -16.18 -7.46 19.78
N GLY B 161 -15.19 -7.60 18.92
CA GLY B 161 -14.21 -8.66 19.06
C GLY B 161 -14.76 -9.99 18.60
N ILE B 162 -13.88 -11.01 18.61
CA ILE B 162 -14.28 -12.32 18.14
C ILE B 162 -15.20 -12.97 19.17
N LYS B 163 -16.28 -13.57 18.69
CA LYS B 163 -17.27 -14.24 19.53
C LYS B 163 -16.98 -15.73 19.56
N ASP B 164 -17.35 -16.37 20.66
CA ASP B 164 -17.15 -17.81 20.77
C ASP B 164 -17.82 -18.55 19.62
N SER B 165 -19.00 -18.11 19.22
CA SER B 165 -19.73 -18.81 18.17
C SER B 165 -19.00 -18.72 16.83
N GLN B 166 -18.31 -17.61 16.57
CA GLN B 166 -17.55 -17.47 15.34
C GLN B 166 -16.36 -18.43 15.34
N ALA B 167 -15.62 -18.45 16.45
CA ALA B 167 -14.47 -19.34 16.55
C ALA B 167 -14.91 -20.80 16.45
N GLN B 168 -16.01 -21.16 17.12
CA GLN B 168 -16.48 -22.54 17.11
C GLN B 168 -16.93 -22.96 15.71
N ARG B 169 -17.67 -22.09 15.02
CA ARG B 169 -18.12 -22.43 13.67
C ARG B 169 -16.95 -22.61 12.73
N MET B 170 -15.94 -21.74 12.81
CA MET B 170 -14.77 -21.92 11.94
C MET B 170 -14.04 -23.21 12.27
N ALA B 171 -13.85 -23.51 13.56
CA ALA B 171 -13.21 -24.76 13.95
C ALA B 171 -13.98 -25.96 13.40
N GLU B 172 -15.32 -25.91 13.44
CA GLU B 172 -16.12 -26.98 12.88
C GLU B 172 -15.94 -27.07 11.37
N ASN B 173 -15.96 -25.94 10.67
CA ASN B 173 -15.83 -25.98 9.22
C ASN B 173 -14.43 -26.43 8.78
N LEU B 174 -13.42 -26.23 9.63
CA LEU B 174 -12.09 -26.75 9.34
C LEU B 174 -11.98 -28.25 9.54
N GLY B 175 -12.98 -28.86 10.18
CA GLY B 175 -13.03 -30.30 10.32
C GLY B 175 -12.62 -30.84 11.68
N PHE B 176 -12.24 -29.98 12.62
CA PHE B 176 -11.91 -30.43 13.96
C PHE B 176 -13.16 -30.96 14.66
N LEU B 177 -12.97 -31.97 15.52
CA LEU B 177 -14.07 -32.68 16.14
C LEU B 177 -13.91 -32.71 17.65
N GLY B 178 -15.03 -32.63 18.36
CA GLY B 178 -15.05 -32.82 19.79
C GLY B 178 -14.06 -31.94 20.53
N PRO B 179 -13.29 -32.51 21.46
CA PRO B 179 -12.37 -31.67 22.23
C PRO B 179 -11.33 -30.94 21.38
N LEU B 180 -10.90 -31.55 20.26
CA LEU B 180 -9.98 -30.85 19.36
C LEU B 180 -10.65 -29.65 18.72
N GLN B 181 -11.96 -29.71 18.47
CA GLN B 181 -12.68 -28.54 17.98
C GLN B 181 -12.67 -27.43 19.02
N ASN B 182 -12.89 -27.78 20.30
CA ASN B 182 -12.82 -26.78 21.35
C ASN B 182 -11.42 -26.19 21.46
N GLN B 183 -10.39 -27.04 21.35
CA GLN B 183 -9.02 -26.53 21.34
C GLN B 183 -8.81 -25.57 20.18
N ALA B 184 -9.24 -25.97 18.98
CA ALA B 184 -9.02 -25.14 17.80
C ALA B 184 -9.75 -23.81 17.92
N ALA B 185 -10.99 -23.85 18.43
CA ALA B 185 -11.72 -22.61 18.64
C ALA B 185 -10.97 -21.69 19.58
N ASP B 186 -10.40 -22.23 20.66
CA ASP B 186 -9.64 -21.40 21.58
C ASP B 186 -8.40 -20.83 20.89
N GLN B 187 -7.74 -21.64 20.06
CA GLN B 187 -6.55 -21.18 19.36
C GLN B 187 -6.89 -20.09 18.35
N ILE B 188 -8.04 -20.20 17.68
CA ILE B 188 -8.48 -19.15 16.77
C ILE B 188 -8.61 -17.82 17.51
N LYS B 189 -9.17 -17.85 18.72
CA LYS B 189 -9.28 -16.63 19.52
C LYS B 189 -7.90 -16.07 19.85
N LYS B 190 -6.97 -16.93 20.25
CA LYS B 190 -5.63 -16.43 20.57
CA LYS B 190 -5.61 -16.49 20.56
C LYS B 190 -4.94 -15.89 19.32
N LEU B 191 -5.18 -16.50 18.17
CA LEU B 191 -4.57 -16.00 16.93
C LEU B 191 -5.15 -14.64 16.57
N TYR B 192 -6.47 -14.49 16.75
CA TYR B 192 -7.12 -13.21 16.47
C TYR B 192 -6.57 -12.10 17.35
N ASN B 193 -6.45 -12.35 18.65
CA ASN B 193 -5.93 -11.31 19.54
C ASN B 193 -4.48 -10.98 19.22
N LEU B 194 -3.69 -12.01 18.87
CA LEU B 194 -2.32 -11.77 18.43
C LEU B 194 -2.30 -10.86 17.22
N PHE B 195 -3.11 -11.19 16.21
CA PHE B 195 -3.19 -10.43 14.97
C PHE B 195 -3.39 -8.93 15.25
N LEU B 196 -4.29 -8.59 16.16
CA LEU B 196 -4.52 -7.18 16.46
C LEU B 196 -3.37 -6.58 17.27
N LYS B 197 -2.84 -7.35 18.23
CA LYS B 197 -1.81 -6.83 19.13
C LYS B 197 -0.56 -6.39 18.37
N ILE B 198 -0.18 -7.12 17.33
CA ILE B 198 1.09 -6.91 16.67
C ILE B 198 0.96 -6.09 15.38
N ASP B 199 -0.23 -5.58 15.08
CA ASP B 199 -0.46 -4.83 13.83
C ASP B 199 -0.05 -5.63 12.60
N ALA B 200 -0.37 -6.93 12.61
CA ALA B 200 -0.20 -7.75 11.43
C ALA B 200 -1.16 -7.30 10.34
N THR B 201 -0.70 -7.39 9.08
CA THR B 201 -1.62 -7.41 7.97
C THR B 201 -2.17 -8.80 7.70
N GLN B 202 -1.45 -9.85 8.09
CA GLN B 202 -1.97 -11.20 7.96
C GLN B 202 -1.20 -12.13 8.89
N VAL B 203 -1.94 -13.01 9.54
CA VAL B 203 -1.40 -14.17 10.23
C VAL B 203 -1.94 -15.39 9.49
N GLU B 204 -1.04 -16.15 8.86
CA GLU B 204 -1.43 -17.30 8.04
C GLU B 204 -0.83 -18.55 8.64
N VAL B 205 -1.68 -19.47 9.10
CA VAL B 205 -1.24 -20.72 9.69
C VAL B 205 -1.56 -21.84 8.71
N ASN B 206 -0.53 -22.57 8.32
CA ASN B 206 -0.71 -23.62 7.35
C ASN B 206 0.48 -24.57 7.42
N PRO B 207 0.31 -25.79 7.97
CA PRO B 207 -0.94 -26.35 8.49
C PRO B 207 -1.28 -25.95 9.93
N PHE B 208 -2.55 -25.58 10.09
CA PHE B 208 -3.21 -25.50 11.39
C PHE B 208 -3.85 -26.86 11.59
N GLY B 209 -3.36 -27.63 12.55
CA GLY B 209 -3.71 -29.03 12.57
C GLY B 209 -3.69 -29.69 13.92
N GLU B 210 -3.63 -31.01 13.93
CA GLU B 210 -3.60 -31.74 15.18
C GLU B 210 -2.61 -32.88 15.07
N THR B 211 -2.08 -33.27 16.22
CA THR B 211 -1.20 -34.42 16.31
C THR B 211 -2.02 -35.67 16.57
N PRO B 212 -1.46 -36.85 16.30
CA PRO B 212 -2.16 -38.08 16.67
C PRO B 212 -2.46 -38.17 18.16
N GLU B 213 -1.63 -37.55 18.99
CA GLU B 213 -1.82 -37.60 20.45
C GLU B 213 -2.94 -36.69 20.93
N GLY B 214 -3.55 -35.91 20.05
CA GLY B 214 -4.75 -35.18 20.38
C GLY B 214 -4.58 -33.73 20.76
N GLN B 215 -3.59 -33.04 20.20
CA GLN B 215 -3.39 -31.62 20.45
C GLN B 215 -3.50 -30.84 19.16
N VAL B 216 -4.13 -29.68 19.22
CA VAL B 216 -4.16 -28.75 18.11
C VAL B 216 -2.90 -27.88 18.17
N VAL B 217 -2.21 -27.75 17.03
CA VAL B 217 -0.93 -27.08 16.94
C VAL B 217 -0.90 -26.25 15.68
N CYS B 218 -0.26 -25.08 15.76
CA CYS B 218 0.10 -24.30 14.58
C CYS B 218 1.47 -24.79 14.14
N PHE B 219 1.50 -25.70 13.18
CA PHE B 219 2.74 -26.35 12.79
C PHE B 219 3.67 -25.39 12.04
N ASP B 220 3.12 -24.55 11.16
CA ASP B 220 3.91 -23.54 10.48
C ASP B 220 3.03 -22.33 10.24
N ALA B 221 3.66 -21.16 10.11
CA ALA B 221 2.90 -19.93 9.98
C ALA B 221 3.75 -18.85 9.34
N LYS B 222 3.08 -17.90 8.70
CA LYS B 222 3.71 -16.75 8.07
C LYS B 222 2.95 -15.52 8.54
N ILE B 223 3.67 -14.56 9.11
CA ILE B 223 3.09 -13.31 9.59
C ILE B 223 3.64 -12.16 8.75
N ASN B 224 2.73 -11.35 8.21
CA ASN B 224 3.09 -10.12 7.53
C ASN B 224 2.65 -8.94 8.38
N PHE B 225 3.46 -7.89 8.39
CA PHE B 225 3.25 -6.75 9.29
C PHE B 225 2.94 -5.48 8.53
N ASP B 226 2.13 -4.62 9.17
CA ASP B 226 1.79 -3.30 8.64
C ASP B 226 2.96 -2.36 8.88
N ASP B 227 3.63 -1.95 7.79
CA ASP B 227 4.77 -1.05 7.94
C ASP B 227 4.36 0.27 8.54
N ASN B 228 3.09 0.68 8.38
CA ASN B 228 2.63 1.95 8.92
C ASN B 228 2.61 1.96 10.45
N ALA B 229 2.66 0.79 11.08
CA ALA B 229 2.62 0.68 12.53
C ALA B 229 4.00 0.49 13.15
N GLU B 230 5.07 0.65 12.37
CA GLU B 230 6.42 0.47 12.92
C GLU B 230 6.63 1.34 14.15
N PHE B 231 6.08 2.56 14.16
CA PHE B 231 6.33 3.46 15.28
C PHE B 231 5.80 2.91 16.60
N ARG B 232 4.82 2.01 16.56
CA ARG B 232 4.29 1.39 17.77
C ARG B 232 4.56 -0.11 17.82
N GLN B 233 5.50 -0.60 17.02
CA GLN B 233 5.95 -2.00 17.05
C GLN B 233 7.46 -2.06 16.96
N LYS B 234 8.14 -1.22 17.75
CA LYS B 234 9.58 -1.08 17.60
C LYS B 234 10.30 -2.40 17.88
N ASP B 235 9.87 -3.12 18.92
CA ASP B 235 10.53 -4.37 19.29
C ASP B 235 10.43 -5.41 18.19
N ILE B 236 9.26 -5.52 17.54
CA ILE B 236 9.10 -6.47 16.46
C ILE B 236 9.93 -6.05 15.25
N PHE B 237 9.89 -4.77 14.90
CA PHE B 237 10.65 -4.32 13.72
C PHE B 237 12.14 -4.39 13.94
N ALA B 238 12.60 -4.35 15.20
CA ALA B 238 14.01 -4.54 15.48
C ALA B 238 14.47 -5.96 15.19
N MET B 239 13.54 -6.91 15.07
CA MET B 239 13.87 -8.28 14.72
C MET B 239 13.98 -8.51 13.22
N ASP B 240 13.67 -7.51 12.41
CA ASP B 240 13.68 -7.65 10.96
C ASP B 240 14.98 -8.24 10.48
N ASP B 241 14.89 -9.36 9.77
CA ASP B 241 16.06 -10.05 9.24
C ASP B 241 16.22 -9.64 7.78
N LYS B 242 17.20 -8.78 7.52
CA LYS B 242 17.43 -8.21 6.20
C LYS B 242 18.55 -8.92 5.44
N SER B 243 19.10 -10.01 5.98
CA SER B 243 20.27 -10.63 5.38
CA SER B 243 20.26 -10.64 5.38
C SER B 243 19.98 -11.22 4.00
N GLU B 244 18.73 -11.51 3.68
CA GLU B 244 18.38 -12.10 2.39
C GLU B 244 17.68 -11.12 1.47
N ASN B 245 17.68 -9.83 1.80
CA ASN B 245 17.09 -8.82 0.92
C ASN B 245 18.10 -8.40 -0.14
N GLU B 246 17.58 -7.92 -1.26
CA GLU B 246 18.44 -7.22 -2.22
C GLU B 246 19.20 -6.13 -1.48
N PRO B 247 20.53 -6.08 -1.59
CA PRO B 247 21.28 -5.06 -0.84
C PRO B 247 20.86 -3.64 -1.16
N ILE B 248 20.41 -3.36 -2.39
CA ILE B 248 19.94 -2.02 -2.70
CA ILE B 248 19.93 -2.01 -2.71
C ILE B 248 18.64 -1.72 -1.95
N GLU B 249 17.78 -2.73 -1.79
CA GLU B 249 16.57 -2.53 -0.99
CA GLU B 249 16.57 -2.53 -0.99
C GLU B 249 16.92 -2.23 0.46
N ASN B 250 18.00 -2.84 0.98
CA ASN B 250 18.42 -2.56 2.34
C ASN B 250 18.96 -1.14 2.49
N GLU B 251 19.76 -0.69 1.52
CA GLU B 251 20.22 0.69 1.55
C GLU B 251 19.05 1.66 1.47
N ALA B 252 18.08 1.36 0.59
CA ALA B 252 16.92 2.23 0.47
C ALA B 252 16.16 2.31 1.78
N ALA B 253 16.03 1.18 2.49
CA ALA B 253 15.32 1.16 3.76
C ALA B 253 15.97 2.07 4.79
N LYS B 254 17.30 2.15 4.78
CA LYS B 254 17.99 3.03 5.73
C LYS B 254 17.53 4.47 5.59
N TYR B 255 17.11 4.86 4.38
CA TYR B 255 16.64 6.22 4.13
C TYR B 255 15.14 6.29 3.96
N ASP B 256 14.42 5.29 4.48
CA ASP B 256 12.96 5.26 4.43
C ASP B 256 12.44 5.42 3.01
N LEU B 257 13.09 4.72 2.07
CA LEU B 257 12.73 4.78 0.66
C LEU B 257 12.03 3.50 0.24
N LYS B 258 10.92 3.66 -0.48
CA LYS B 258 10.08 2.55 -0.93
C LYS B 258 10.60 2.08 -2.28
N TYR B 259 11.60 1.21 -2.25
CA TYR B 259 12.27 0.68 -3.43
C TYR B 259 11.98 -0.81 -3.56
N ILE B 260 11.64 -1.25 -4.76
CA ILE B 260 11.40 -2.66 -5.05
CA ILE B 260 11.39 -2.66 -5.05
C ILE B 260 12.19 -3.02 -6.31
N GLY B 261 13.09 -3.98 -6.18
CA GLY B 261 13.92 -4.36 -7.30
C GLY B 261 13.13 -5.19 -8.31
N LEU B 262 13.40 -4.94 -9.58
CA LEU B 262 12.79 -5.69 -10.68
C LEU B 262 13.89 -6.20 -11.61
N ASP B 263 13.50 -7.02 -12.57
CA ASP B 263 14.42 -7.61 -13.54
C ASP B 263 14.39 -6.73 -14.78
N GLY B 264 15.25 -5.73 -14.80
CA GLY B 264 15.34 -4.85 -15.95
C GLY B 264 16.55 -3.95 -15.85
N ASN B 265 16.66 -3.04 -16.81
CA ASN B 265 17.83 -2.18 -16.91
C ASN B 265 17.51 -0.69 -17.02
N ILE B 266 16.24 -0.30 -16.91
CA ILE B 266 15.85 1.10 -16.97
C ILE B 266 15.36 1.48 -15.58
N ALA B 267 16.17 2.26 -14.87
CA ALA B 267 15.80 2.67 -13.52
C ALA B 267 14.69 3.71 -13.58
N CYS B 268 13.85 3.69 -12.55
CA CYS B 268 12.73 4.60 -12.42
C CYS B 268 12.83 5.37 -11.12
N PHE B 269 12.52 6.66 -11.18
CA PHE B 269 12.70 7.60 -10.08
C PHE B 269 11.47 8.51 -10.11
N VAL B 270 10.49 8.27 -9.24
CA VAL B 270 9.17 8.89 -9.36
C VAL B 270 8.64 9.29 -7.98
N ASN B 271 7.77 10.31 -7.94
CA ASN B 271 7.30 10.89 -6.68
C ASN B 271 5.91 10.40 -6.21
N GLY B 272 5.32 9.44 -6.90
CA GLY B 272 4.05 8.89 -6.46
C GLY B 272 4.01 7.41 -6.73
N ALA B 273 3.27 6.69 -5.89
CA ALA B 273 3.17 5.24 -6.08
C ALA B 273 2.41 4.91 -7.35
N GLY B 274 1.30 5.61 -7.62
CA GLY B 274 0.55 5.37 -8.84
C GLY B 274 1.37 5.66 -10.09
N LEU B 275 1.97 6.85 -10.13
CA LEU B 275 2.82 7.23 -11.25
C LEU B 275 4.03 6.30 -11.38
N ALA B 276 4.57 5.83 -10.26
CA ALA B 276 5.69 4.89 -10.31
C ALA B 276 5.27 3.56 -10.92
N MET B 277 4.14 3.01 -10.49
CA MET B 277 3.62 1.82 -11.13
C MET B 277 3.33 2.07 -12.60
N ALA B 278 2.72 3.23 -12.91
CA ALA B 278 2.41 3.56 -14.29
C ALA B 278 3.67 3.76 -15.13
N THR B 279 4.75 4.23 -14.50
CA THR B 279 6.00 4.42 -15.22
C THR B 279 6.62 3.08 -15.58
N CYS B 280 6.66 2.15 -14.64
CA CYS B 280 7.06 0.78 -14.97
C CYS B 280 6.18 0.24 -16.11
N ASP B 281 4.87 0.45 -16.01
CA ASP B 281 3.95 -0.07 -17.02
C ASP B 281 4.27 0.50 -18.40
N ILE B 282 4.48 1.81 -18.49
CA ILE B 282 4.62 2.42 -19.81
C ILE B 282 6.01 2.19 -20.39
N ILE B 283 7.03 2.00 -19.54
CA ILE B 283 8.31 1.50 -20.02
C ILE B 283 8.13 0.16 -20.71
N PHE B 284 7.43 -0.76 -20.05
CA PHE B 284 7.17 -2.06 -20.65
C PHE B 284 6.40 -1.92 -21.96
N LEU B 285 5.36 -1.09 -21.98
CA LEU B 285 4.53 -0.97 -23.17
C LEU B 285 5.34 -0.46 -24.38
N ASN B 286 6.42 0.28 -24.13
CA ASN B 286 7.25 0.82 -25.20
C ASN B 286 8.51 0.00 -25.43
N GLY B 287 8.57 -1.22 -24.89
CA GLY B 287 9.62 -2.16 -25.24
C GLY B 287 10.77 -2.27 -24.28
N GLY B 288 10.64 -1.76 -23.06
CA GLY B 288 11.72 -1.76 -22.10
C GLY B 288 11.41 -2.60 -20.88
N LYS B 289 12.43 -2.80 -20.06
CA LYS B 289 12.32 -3.58 -18.83
C LYS B 289 12.71 -2.68 -17.67
N PRO B 290 11.78 -2.29 -16.81
CA PRO B 290 12.17 -1.44 -15.68
C PRO B 290 13.06 -2.20 -14.71
N ALA B 291 14.04 -1.49 -14.17
CA ALA B 291 14.97 -2.08 -13.21
C ALA B 291 14.45 -2.08 -11.80
N ASN B 292 13.45 -1.24 -11.50
CA ASN B 292 12.98 -1.09 -10.14
C ASN B 292 11.70 -0.27 -10.16
N PHE B 293 10.99 -0.36 -9.04
CA PHE B 293 9.92 0.56 -8.67
C PHE B 293 10.48 1.42 -7.55
N LEU B 294 10.15 2.72 -7.57
CA LEU B 294 10.54 3.62 -6.50
C LEU B 294 9.50 4.72 -6.37
N ASP B 295 8.89 4.82 -5.19
CA ASP B 295 7.96 5.88 -4.84
C ASP B 295 8.66 6.73 -3.80
N LEU B 296 9.10 7.93 -4.18
CA LEU B 296 9.83 8.77 -3.24
C LEU B 296 8.95 9.22 -2.08
N GLY B 297 7.63 9.25 -2.26
CA GLY B 297 6.73 9.69 -1.22
C GLY B 297 6.47 11.19 -1.25
N GLY B 298 5.24 11.60 -0.91
CA GLY B 298 4.93 13.01 -0.90
C GLY B 298 5.77 13.81 0.08
N GLY B 299 6.25 13.18 1.14
CA GLY B 299 7.06 13.87 2.12
C GLY B 299 8.54 13.76 1.86
N VAL B 300 8.92 13.46 0.61
CA VAL B 300 10.33 13.25 0.30
C VAL B 300 11.13 14.51 0.60
N LYS B 301 12.33 14.32 1.13
CA LYS B 301 13.26 15.41 1.36
C LYS B 301 14.46 15.28 0.44
N GLU B 302 15.19 16.39 0.29
CA GLU B 302 16.30 16.42 -0.66
C GLU B 302 17.31 15.32 -0.36
N SER B 303 17.57 15.06 0.92
CA SER B 303 18.55 14.04 1.27
C SER B 303 18.14 12.67 0.74
N GLN B 304 16.83 12.38 0.73
CA GLN B 304 16.37 11.10 0.22
C GLN B 304 16.46 11.05 -1.30
N VAL B 305 16.23 12.18 -1.97
CA VAL B 305 16.43 12.25 -3.42
C VAL B 305 17.88 11.93 -3.76
N TYR B 306 18.81 12.58 -3.05
CA TYR B 306 20.23 12.34 -3.22
C TYR B 306 20.55 10.86 -3.06
N GLN B 307 20.10 10.26 -1.96
CA GLN B 307 20.43 8.86 -1.70
C GLN B 307 19.81 7.95 -2.75
N ALA B 308 18.55 8.20 -3.12
CA ALA B 308 17.89 7.36 -4.12
C ALA B 308 18.65 7.39 -5.43
N PHE B 309 19.07 8.58 -5.87
CA PHE B 309 19.76 8.67 -7.15
C PHE B 309 21.08 7.92 -7.11
N LYS B 310 21.80 8.00 -5.99
CA LYS B 310 23.06 7.29 -5.88
C LYS B 310 22.86 5.78 -5.95
N LEU B 311 21.82 5.27 -5.28
CA LEU B 311 21.53 3.84 -5.36
C LEU B 311 21.31 3.39 -6.79
N LEU B 312 20.56 4.17 -7.57
CA LEU B 312 20.31 3.80 -8.97
C LEU B 312 21.60 3.82 -9.77
N THR B 313 22.39 4.88 -9.65
CA THR B 313 23.61 4.98 -10.47
C THR B 313 24.63 3.93 -10.09
N ALA B 314 24.59 3.45 -8.86
CA ALA B 314 25.54 2.45 -8.39
C ALA B 314 25.11 1.02 -8.72
N ASP B 315 23.90 0.82 -9.23
CA ASP B 315 23.41 -0.52 -9.53
C ASP B 315 23.94 -0.96 -10.88
N PRO B 316 24.71 -2.06 -10.96
CA PRO B 316 25.29 -2.45 -12.26
C PRO B 316 24.26 -2.88 -13.29
N LYS B 317 23.04 -3.23 -12.88
CA LYS B 317 22.01 -3.61 -13.83
C LYS B 317 21.42 -2.43 -14.57
N VAL B 318 21.61 -1.21 -14.06
CA VAL B 318 20.98 -0.02 -14.62
C VAL B 318 21.78 0.47 -15.80
N GLU B 319 21.12 0.60 -16.96
CA GLU B 319 21.73 1.15 -18.15
C GLU B 319 21.18 2.52 -18.53
N ALA B 320 20.11 2.98 -17.88
CA ALA B 320 19.57 4.31 -18.09
C ALA B 320 18.65 4.61 -16.91
N ILE B 321 18.38 5.90 -16.69
CA ILE B 321 17.57 6.33 -15.56
C ILE B 321 16.49 7.26 -16.09
N LEU B 322 15.24 6.97 -15.71
CA LEU B 322 14.09 7.81 -16.06
CA LEU B 322 14.10 7.82 -16.05
C LEU B 322 13.60 8.47 -14.78
N VAL B 323 13.71 9.79 -14.71
CA VAL B 323 13.18 10.60 -13.64
C VAL B 323 11.85 11.16 -14.11
N ASN B 324 10.79 10.89 -13.37
CA ASN B 324 9.44 11.30 -13.78
C ASN B 324 8.74 11.82 -12.54
N ILE B 325 8.53 13.14 -12.49
CA ILE B 325 7.98 13.83 -11.33
C ILE B 325 6.79 14.65 -11.79
N PHE B 326 5.64 14.44 -11.16
CA PHE B 326 4.52 15.36 -11.29
C PHE B 326 4.21 15.84 -9.88
N GLY B 327 4.78 17.00 -9.53
CA GLY B 327 4.79 17.44 -8.16
C GLY B 327 3.52 18.19 -7.79
N GLY B 328 2.94 17.82 -6.66
CA GLY B 328 1.95 18.64 -5.99
C GLY B 328 2.49 19.06 -4.64
N ILE B 329 2.41 18.17 -3.65
CA ILE B 329 3.11 18.43 -2.39
C ILE B 329 4.62 18.38 -2.59
N VAL B 330 5.09 17.61 -3.58
CA VAL B 330 6.52 17.54 -3.87
C VAL B 330 6.91 18.71 -4.76
N ASN B 331 7.87 19.50 -4.30
CA ASN B 331 8.39 20.63 -5.06
C ASN B 331 9.47 20.11 -5.99
N CYS B 332 9.34 20.39 -7.29
CA CYS B 332 10.27 19.82 -8.25
C CYS B 332 11.71 20.25 -7.98
N ALA B 333 11.91 21.42 -7.36
CA ALA B 333 13.27 21.90 -7.12
C ALA B 333 14.03 21.01 -6.16
N ILE B 334 13.35 20.37 -5.20
CA ILE B 334 14.04 19.42 -4.31
C ILE B 334 14.60 18.27 -5.14
N ILE B 335 13.86 17.83 -6.15
CA ILE B 335 14.35 16.75 -7.02
C ILE B 335 15.59 17.21 -7.77
N ALA B 336 15.53 18.40 -8.35
CA ALA B 336 16.66 18.91 -9.12
C ALA B 336 17.88 19.11 -8.23
N ASN B 337 17.69 19.58 -7.00
CA ASN B 337 18.81 19.79 -6.09
C ASN B 337 19.48 18.47 -5.74
N GLY B 338 18.68 17.48 -5.33
CA GLY B 338 19.25 16.21 -4.94
C GLY B 338 19.99 15.52 -6.06
N ILE B 339 19.45 15.58 -7.28
CA ILE B 339 20.08 14.90 -8.40
C ILE B 339 21.39 15.57 -8.78
N THR B 340 21.37 16.90 -8.94
CA THR B 340 22.58 17.59 -9.38
C THR B 340 23.72 17.43 -8.38
N LYS B 341 23.41 17.50 -7.08
CA LYS B 341 24.44 17.31 -6.07
C LYS B 341 24.96 15.87 -6.07
N ALA B 342 24.08 14.90 -6.29
CA ALA B 342 24.51 13.52 -6.33
C ALA B 342 25.45 13.25 -7.52
N CYS B 343 25.25 13.96 -8.62
CA CYS B 343 26.08 13.78 -9.81
C CYS B 343 27.31 14.68 -9.81
N ARG B 344 27.29 15.79 -9.06
CA ARG B 344 28.51 16.54 -8.85
C ARG B 344 29.60 15.65 -8.25
N GLU B 345 29.19 14.59 -7.55
CA GLU B 345 30.09 13.74 -6.77
C GLU B 345 30.28 12.37 -7.42
N LEU B 346 30.20 12.32 -8.75
CA LEU B 346 30.41 11.09 -9.51
C LEU B 346 30.11 11.37 -10.98
N GLU B 347 30.64 10.55 -11.89
CA GLU B 347 30.37 10.71 -13.31
C GLU B 347 29.06 10.00 -13.65
N LEU B 348 28.28 10.65 -14.52
CA LEU B 348 26.99 10.10 -14.97
C LEU B 348 27.27 9.20 -16.15
N LYS B 349 27.30 7.88 -15.91
CA LYS B 349 27.70 6.92 -16.93
C LYS B 349 26.53 6.31 -17.70
N VAL B 350 25.30 6.68 -17.36
CA VAL B 350 24.13 6.16 -18.09
C VAL B 350 23.29 7.32 -18.56
N PRO B 351 22.55 7.18 -19.67
CA PRO B 351 21.67 8.26 -20.12
C PRO B 351 20.64 8.59 -19.05
N LEU B 352 20.30 9.88 -18.97
CA LEU B 352 19.37 10.41 -17.98
C LEU B 352 18.23 11.12 -18.71
N VAL B 353 17.02 10.58 -18.56
CA VAL B 353 15.81 11.14 -19.16
C VAL B 353 14.98 11.73 -18.02
N VAL B 354 14.53 12.97 -18.19
CA VAL B 354 13.87 13.70 -17.13
C VAL B 354 12.54 14.26 -17.64
N ARG B 355 11.48 13.99 -16.90
CA ARG B 355 10.16 14.57 -17.16
C ARG B 355 9.74 15.21 -15.84
N LEU B 356 9.61 16.54 -15.84
CA LEU B 356 9.15 17.28 -14.67
C LEU B 356 7.87 18.04 -15.01
N GLU B 357 6.88 17.96 -14.12
CA GLU B 357 5.65 18.73 -14.21
C GLU B 357 5.22 19.12 -12.81
N GLY B 358 4.34 20.12 -12.74
CA GLY B 358 3.75 20.50 -11.48
C GLY B 358 4.51 21.56 -10.70
N THR B 359 4.51 21.41 -9.38
CA THR B 359 4.95 22.48 -8.49
C THR B 359 6.38 22.91 -8.76
N ASN B 360 6.55 24.19 -9.10
CA ASN B 360 7.87 24.82 -9.19
C ASN B 360 8.74 24.20 -10.28
N VAL B 361 8.10 23.81 -11.38
CA VAL B 361 8.81 23.11 -12.44
C VAL B 361 9.86 23.99 -13.11
N HIS B 362 9.56 25.28 -13.27
CA HIS B 362 10.51 26.15 -13.98
C HIS B 362 11.81 26.33 -13.20
N GLU B 363 11.73 26.57 -11.89
CA GLU B 363 12.95 26.66 -11.09
C GLU B 363 13.73 25.36 -11.14
N ALA B 364 13.03 24.23 -11.02
CA ALA B 364 13.71 22.94 -11.06
C ALA B 364 14.42 22.73 -12.39
N GLN B 365 13.78 23.13 -13.50
CA GLN B 365 14.40 22.96 -14.81
C GLN B 365 15.63 23.85 -14.97
N ASN B 366 15.59 25.05 -14.40
CA ASN B 366 16.78 25.91 -14.45
C ASN B 366 17.92 25.33 -13.61
N ILE B 367 17.60 24.70 -12.48
CA ILE B 367 18.63 24.03 -11.70
C ILE B 367 19.31 22.95 -12.55
N LEU B 368 18.51 22.12 -13.22
CA LEU B 368 19.09 21.07 -14.07
C LEU B 368 19.94 21.68 -15.17
N THR B 369 19.45 22.74 -15.80
CA THR B 369 20.21 23.37 -16.88
C THR B 369 21.54 23.91 -16.38
N ASN B 370 21.52 24.70 -15.31
CA ASN B 370 22.73 25.35 -14.83
C ASN B 370 23.72 24.39 -14.20
N SER B 371 23.34 23.12 -13.99
CA SER B 371 24.28 22.13 -13.50
C SER B 371 25.19 21.59 -14.58
N GLY B 372 24.83 21.79 -15.85
CA GLY B 372 25.60 21.29 -16.96
C GLY B 372 25.46 19.81 -17.23
N LEU B 373 24.67 19.09 -16.43
CA LEU B 373 24.53 17.65 -16.61
C LEU B 373 23.91 17.35 -17.97
N PRO B 374 24.28 16.22 -18.61
CA PRO B 374 23.65 15.85 -19.88
C PRO B 374 22.29 15.19 -19.62
N ILE B 375 21.23 15.86 -20.04
CA ILE B 375 19.87 15.42 -19.78
C ILE B 375 19.09 15.41 -21.08
N THR B 376 18.25 14.39 -21.23
CA THR B 376 17.23 14.35 -22.28
C THR B 376 15.90 14.69 -21.62
N SER B 377 15.38 15.86 -21.94
CA SER B 377 14.09 16.30 -21.42
CA SER B 377 14.09 16.27 -21.40
C SER B 377 12.97 15.63 -22.21
N ALA B 378 11.94 15.17 -21.51
CA ALA B 378 10.80 14.53 -22.14
C ALA B 378 9.59 15.44 -22.05
N VAL B 379 8.68 15.30 -23.01
CA VAL B 379 7.53 16.18 -23.08
C VAL B 379 6.29 15.61 -22.39
N ASP B 380 6.24 14.30 -22.17
CA ASP B 380 5.14 13.66 -21.45
C ASP B 380 5.58 12.23 -21.15
N LEU B 381 4.65 11.45 -20.56
CA LEU B 381 4.97 10.10 -20.11
C LEU B 381 5.39 9.20 -21.27
N GLU B 382 4.64 9.23 -22.36
CA GLU B 382 4.97 8.37 -23.49
C GLU B 382 6.33 8.72 -24.05
N ASP B 383 6.56 10.02 -24.29
CA ASP B 383 7.87 10.46 -24.78
C ASP B 383 8.98 10.05 -23.82
N ALA B 384 8.75 10.17 -22.51
CA ALA B 384 9.77 9.79 -21.55
C ALA B 384 10.10 8.31 -21.66
N ALA B 385 9.07 7.46 -21.78
CA ALA B 385 9.29 6.03 -21.88
C ALA B 385 10.02 5.67 -23.17
N LYS B 386 9.60 6.27 -24.29
CA LYS B 386 10.25 5.97 -25.57
C LYS B 386 11.71 6.40 -25.55
N LYS B 387 12.00 7.58 -25.02
CA LYS B 387 13.38 8.04 -24.96
C LYS B 387 14.22 7.19 -24.01
N ALA B 388 13.64 6.72 -22.91
CA ALA B 388 14.37 5.84 -22.01
C ALA B 388 14.70 4.51 -22.71
N VAL B 389 13.71 3.90 -23.37
CA VAL B 389 13.95 2.64 -24.06
C VAL B 389 14.96 2.83 -25.19
N ALA B 390 14.89 3.97 -25.88
CA ALA B 390 15.84 4.25 -26.94
C ALA B 390 17.26 4.43 -26.41
N SER B 391 17.42 4.72 -25.12
CA SER B 391 18.74 5.00 -24.55
C SER B 391 19.47 3.73 -24.11
N VAL B 392 18.91 2.55 -24.34
CA VAL B 392 19.55 1.31 -23.93
C VAL B 392 19.67 0.38 -25.14
N THR B 393 20.70 -0.47 -25.10
CA THR B 393 20.94 -1.45 -26.16
C THR B 393 19.79 -2.45 -26.20
N1A DCA C . -5.29 17.76 15.82
C2A DCA C . -4.66 18.81 15.28
N3A DCA C . -3.35 19.02 15.16
C4A DCA C . -2.64 18.01 15.68
C5A DCA C . -3.15 16.87 16.27
C6A DCA C . -4.55 16.76 16.34
N6A DCA C . -5.15 15.69 16.87
N7A DCA C . -2.12 16.03 16.69
C8A DCA C . -1.03 16.67 16.33
N9A DCA C . -1.27 17.87 15.71
C1B DCA C . -0.31 18.83 15.17
C2B DCA C . 1.08 18.77 15.78
O2B DCA C . 1.07 19.37 17.07
C3B DCA C . 1.86 19.56 14.72
O3B DCA C . 1.77 20.98 14.94
P3B DCA C . 2.86 21.79 15.82
O7A DCA C . 4.21 21.43 15.31
O8A DCA C . 2.55 23.26 15.64
O9A DCA C . 2.63 21.33 17.26
C4B DCA C . 1.12 19.24 13.42
O4B DCA C . -0.11 18.58 13.79
C5B DCA C . 1.88 18.35 12.46
O5B DCA C . 2.93 19.17 11.89
P1A DCA C . 4.39 18.59 11.66
O1A DCA C . 4.85 17.80 12.81
O2A DCA C . 5.23 19.77 11.21
O3A DCA C . 4.23 17.62 10.42
P2A DCA C . 4.35 17.85 8.85
O4A DCA C . 5.75 18.01 8.42
O5A DCA C . 3.41 18.97 8.50
O6A DCA C . 3.78 16.47 8.25
CBP DCA C . 1.93 15.25 7.28
CCP DCA C . 2.44 16.01 8.49
CDP DCA C . 1.94 16.17 6.05
CEP DCA C . 0.51 14.77 7.56
CAP DCA C . 2.85 14.03 7.00
OAP DCA C . 2.94 13.21 8.16
C9P DCA C . 2.43 13.22 5.79
O9P DCA C . 1.53 12.38 5.89
N8P DCA C . 3.04 13.50 4.64
C7P DCA C . 2.72 12.83 3.38
C6P DCA C . 1.42 13.32 2.78
C5P DCA C . 1.11 12.64 1.46
O5P DCA C . 2.00 12.40 0.66
N4P DCA C . -0.16 12.35 1.24
C3P DCA C . -0.60 11.74 -0.01
C2P DCA C . -0.97 12.77 -1.01
H2A DCA C . -5.31 19.59 14.88
H61A DCA C . -5.15 14.79 16.41
H62A DCA C . -5.63 15.74 17.77
H8A DCA C . -0.02 16.29 16.49
H1B DCA C . -0.79 19.80 15.30
H2B DCA C . 1.52 17.78 15.87
HO2A DCA C . 1.26 18.66 17.73
H3B DCA C . 2.91 19.31 14.73
HOA8 DCA C . 2.97 23.80 14.92
HOA9 DCA C . 2.00 21.75 17.90
H4B DCA C . 0.76 20.13 12.92
H51A DCA C . 2.37 17.49 12.92
H52A DCA C . 1.30 17.96 11.62
HOA2 DCA C . 6.12 19.94 11.60
HOA5 DCA C . 2.44 18.94 8.25
H121 DCA C . 2.44 15.39 9.38
H122 DCA C . 1.81 16.88 8.70
H131 DCA C . 1.50 15.72 5.18
H132 DCA C . 1.39 17.10 6.23
H133 DCA C . 2.95 16.47 5.77
H141 DCA C . 0.07 14.24 6.70
H142 DCA C . 0.45 14.10 8.41
H143 DCA C . -0.17 15.60 7.77
H10 DCA C . 3.88 14.37 6.93
HO1 DCA C . 3.39 12.37 7.90
HN8 DCA C . 3.77 14.21 4.60
H71 DCA C . 3.52 12.97 2.66
H72 DCA C . 2.67 11.76 3.52
H61 DCA C . 0.58 13.14 3.45
H62 DCA C . 1.42 14.40 2.62
HN4 DCA C . -0.88 12.55 1.94
H31 DCA C . 0.19 11.10 -0.39
H32 DCA C . -1.43 11.07 0.18
H21 DCA C . -1.36 12.29 -1.92
H22 DCA C . -0.11 13.37 -1.29
H23 DCA C . -1.73 13.43 -0.63
C1 SIN D . 0.32 -9.41 3.18
O1 SIN D . -0.58 -8.91 3.83
O2 SIN D . 1.54 -8.96 3.14
C2 SIN D . 0.12 -10.63 2.32
C3 SIN D . 1.20 -10.81 1.28
C4 SIN D . 0.99 -12.01 0.39
O3 SIN D . 1.89 -12.60 -0.15
O4 SIN D . -0.27 -12.35 0.28
HO2 SIN D . 1.65 -8.16 3.72
H21 SIN D . 0.06 -11.51 2.96
H22 SIN D . -0.86 -10.58 1.85
H31 SIN D . 1.29 -9.92 0.66
H32 SIN D . 2.18 -10.89 1.76
HO4 SIN D . -0.37 -13.15 -0.31
C1 GOL E . -11.16 29.14 -13.30
O1 GOL E . -11.84 29.65 -14.40
C2 GOL E . -10.84 27.64 -13.60
O2 GOL E . -10.70 27.38 -14.96
C3 GOL E . -9.54 27.32 -12.77
O3 GOL E . -8.90 26.26 -13.40
H11 GOL E . -11.67 29.20 -12.47
H12 GOL E . -10.33 29.62 -13.12
HO1 GOL E . -12.58 29.22 -14.44
H2 GOL E . -11.57 27.07 -13.30
HO2 GOL E . -10.98 28.07 -15.38
H31 GOL E . -9.79 27.13 -11.85
H32 GOL E . -8.99 28.12 -12.72
HO3 GOL E . -8.11 26.51 -13.57
C1 GOL F . 2.92 -7.16 -18.51
O1 GOL F . 1.58 -7.39 -18.80
C2 GOL F . 3.27 -7.99 -17.24
O2 GOL F . 3.08 -9.34 -17.42
C3 GOL F . 4.75 -7.63 -16.90
O3 GOL F . 5.55 -8.26 -17.84
H11 GOL F . 3.12 -6.23 -18.34
H12 GOL F . 3.52 -7.43 -19.23
HO1 GOL F . 1.42 -8.21 -18.61
H2 GOL F . 2.68 -7.73 -16.50
HO2 GOL F . 3.83 -9.69 -17.61
H31 GOL F . 4.93 -7.91 -15.99
H32 GOL F . 4.84 -6.67 -16.89
HO3 GOL F . 6.36 -8.07 -17.64
C1 EDO G . -4.83 4.66 -25.61
O1 EDO G . -3.66 4.06 -25.04
C2 EDO G . -5.63 3.64 -26.40
O2 EDO G . -5.96 2.52 -25.57
H11 EDO G . -4.53 5.49 -26.26
H12 EDO G . -5.45 5.07 -24.80
HO1 EDO G . -3.15 4.73 -24.57
H21 EDO G . -5.04 3.30 -27.26
H22 EDO G . -6.54 4.10 -26.78
HO2 EDO G . -6.49 1.89 -26.08
P PO4 H . 0.37 8.75 -5.28
O1 PO4 H . 0.11 7.70 -6.32
O2 PO4 H . 0.63 10.07 -5.96
O3 PO4 H . 1.51 8.39 -4.35
O4 PO4 H . -0.89 8.88 -4.44
C1 SIN I . 2.65 14.91 -4.91
O1 SIN I . 3.72 15.41 -5.23
O2 SIN I . 1.55 15.60 -4.78
C2 SIN I . 2.48 13.45 -4.57
C3 SIN I . 1.06 13.14 -4.13
C4 SIN I . 0.83 11.72 -3.67
O3 SIN I . -0.28 11.22 -3.67
O4 SIN I . 1.90 11.10 -3.25
HO2 SIN I . 1.68 16.55 -5.02
H21 SIN I . 2.75 12.84 -5.43
H22 SIN I . 3.19 13.17 -3.81
H31 SIN I . 0.36 13.36 -4.93
H32 SIN I . 0.77 13.82 -3.32
HO4 SIN I . 1.69 10.18 -2.96
C1 GOL J . -10.61 -11.90 2.40
O1 GOL J . -11.99 -11.93 2.27
C2 GOL J . -10.07 -11.55 1.00
O2 GOL J . -10.67 -12.33 0.01
C3 GOL J . -10.34 -10.06 0.81
O3 GOL J . -9.52 -9.37 1.69
H11 GOL J . -10.24 -12.74 2.69
H12 GOL J . -10.31 -11.23 3.04
HO1 GOL J . -12.31 -11.45 2.91
H2 GOL J . -9.11 -11.74 0.95
HO2 GOL J . -10.33 -12.11 -0.73
H31 GOL J . -11.29 -9.90 0.95
H32 GOL J . -10.19 -9.83 -0.12
HO3 GOL J . -8.74 -9.43 1.39
C1 GOL K . 29.17 -31.05 18.94
O1 GOL K . 28.72 -32.34 18.62
C2 GOL K . 29.50 -31.07 20.44
O2 GOL K . 30.80 -31.51 20.68
C3 GOL K . 29.30 -29.64 20.95
O3 GOL K . 29.37 -29.72 22.34
H11 GOL K . 28.49 -30.37 18.76
H12 GOL K . 29.95 -30.78 18.43
HO1 GOL K . 29.25 -32.88 19.03
H2 GOL K . 28.90 -31.68 20.89
H31 GOL K . 28.46 -29.30 20.62
H32 GOL K . 29.97 -29.07 20.56
HO3 GOL K . 29.87 -30.38 22.52
C1 EDO L . 6.36 -0.31 20.76
O1 EDO L . 7.09 0.47 19.80
C2 EDO L . 7.32 -1.23 21.51
O2 EDO L . 7.57 -2.39 20.71
H11 EDO L . 5.60 -0.90 20.26
H12 EDO L . 5.86 0.35 21.47
HO1 EDO L . 6.48 1.06 19.35
H21 EDO L . 8.25 -0.71 21.72
H22 EDO L . 6.87 -1.52 22.47
HO2 EDO L . 8.08 -3.03 21.23
MG MG M . 2.17 9.06 -2.59
MG MG N . 0.90 -17.04 -0.20
#